data_8GHX
#
_entry.id   8GHX
#
_cell.length_a   69.726
_cell.length_b   81.850
_cell.length_c   133.259
_cell.angle_alpha   90.000
_cell.angle_beta   90.000
_cell.angle_gamma   90.000
#
_symmetry.space_group_name_H-M   'P 21 21 21'
#
loop_
_entity.id
_entity.type
_entity.pdbx_description
1 polymer 'Cellulase CelD'
2 non-polymer 1,2-ETHANEDIOL
3 water water
#
_entity_poly.entity_id   1
_entity_poly.type   'polypeptide(L)'
_entity_poly.pdbx_seq_one_letter_code
;SNAIRDISSIELIKEMRFGWNLGNTLDAECTSWMDYEKNPIGSETCWGNVKTNEDIFKTLMDNQFNVFRIPTTWTGHIGE
APEYKINEQWMKRVHEIVDYPYKNGAFVILNIHHETWNHAFAETVDEAKVELAQVWKQIAEEFKGYGERLIFEGQNEPRK
NGTPVEWNGGDKEGWDVVNAMNAVFLETVRSSGGNNAKRHLMIPPYAAACNENSFKNFDFPEDDDKVIASVHAYSPYNFA
LNNGEGAVDKFDASGKNELDWNINLMKKRFVDQGIPMILGEYGAMNRDNEEERAAWAEYYMEKITALGVPQVWWDNGVFE
GEGERFGLIDRKNLKIVYPSIVAALQKGRGLEVNVLHAIETEPEE
;
_entity_poly.pdbx_strand_id   A,B
#
# COMPACT_ATOMS: atom_id res chain seq x y z
N ASN A 2 21.74 -8.11 3.40
CA ASN A 2 23.14 -8.13 2.97
C ASN A 2 23.52 -9.45 2.32
N ALA A 3 22.68 -10.47 2.52
CA ALA A 3 22.93 -11.76 1.91
C ALA A 3 22.73 -11.68 0.40
N ILE A 4 23.53 -12.46 -0.33
CA ILE A 4 23.41 -12.57 -1.78
C ILE A 4 23.70 -14.01 -2.18
N ARG A 5 22.80 -14.61 -2.95
CA ARG A 5 23.02 -15.96 -3.43
C ARG A 5 24.05 -15.97 -4.55
N ASP A 6 24.88 -17.00 -4.56
CA ASP A 6 25.93 -17.14 -5.57
C ASP A 6 25.47 -18.18 -6.59
N ILE A 7 24.56 -17.74 -7.47
CA ILE A 7 24.01 -18.59 -8.52
C ILE A 7 24.15 -17.88 -9.85
N SER A 8 24.10 -18.67 -10.92
CA SER A 8 24.27 -18.14 -12.27
C SER A 8 23.00 -17.43 -12.72
N SER A 9 23.15 -16.60 -13.75
CA SER A 9 22.01 -15.85 -14.28
C SER A 9 20.97 -16.79 -14.88
N ILE A 10 21.42 -17.86 -15.56
CA ILE A 10 20.49 -18.82 -16.14
C ILE A 10 19.60 -19.43 -15.07
N GLU A 11 20.17 -19.73 -13.90
CA GLU A 11 19.38 -20.28 -12.81
C GLU A 11 18.52 -19.21 -12.13
N LEU A 12 19.02 -17.97 -12.05
CA LEU A 12 18.24 -16.91 -11.42
C LEU A 12 17.08 -16.47 -12.30
N ILE A 13 17.26 -16.49 -13.63
CA ILE A 13 16.20 -16.10 -14.54
C ILE A 13 15.00 -17.02 -14.43
N LYS A 14 15.22 -18.29 -14.08
CA LYS A 14 14.12 -19.24 -13.96
C LYS A 14 13.08 -18.78 -12.94
N GLU A 15 13.49 -18.00 -11.94
CA GLU A 15 12.57 -17.52 -10.93
C GLU A 15 11.73 -16.34 -11.39
N MET A 16 11.93 -15.87 -12.62
CA MET A 16 11.21 -14.70 -13.13
C MET A 16 9.98 -15.13 -13.90
N ARG A 17 8.90 -14.37 -13.73
CA ARG A 17 7.66 -14.62 -14.46
C ARG A 17 7.53 -13.64 -15.61
N PHE A 18 7.21 -12.38 -15.29
CA PHE A 18 7.20 -11.30 -16.27
C PHE A 18 7.33 -9.98 -15.54
N GLY A 19 7.70 -8.94 -16.29
CA GLY A 19 8.15 -7.69 -15.72
C GLY A 19 7.29 -6.49 -16.12
N TRP A 20 7.58 -5.37 -15.46
CA TRP A 20 6.87 -4.11 -15.66
C TRP A 20 7.88 -2.97 -15.54
N ASN A 21 7.77 -2.00 -16.44
CA ASN A 21 8.65 -0.84 -16.44
C ASN A 21 7.97 0.36 -15.78
N LEU A 22 8.74 1.11 -15.00
CA LEU A 22 8.28 2.39 -14.44
C LEU A 22 8.70 3.50 -15.40
N GLY A 23 8.05 3.50 -16.57
CA GLY A 23 8.48 4.37 -17.65
C GLY A 23 8.01 5.80 -17.50
N ASN A 24 8.75 6.71 -18.15
CA ASN A 24 8.47 8.14 -18.12
C ASN A 24 8.37 8.66 -16.69
N THR A 25 9.25 8.16 -15.83
CA THR A 25 9.27 8.57 -14.43
C THR A 25 10.66 9.05 -14.03
N LEU A 26 11.50 8.17 -13.51
CA LEU A 26 12.88 8.55 -13.21
C LEU A 26 13.72 8.68 -14.47
N ASP A 27 13.19 8.27 -15.63
CA ASP A 27 13.85 8.49 -16.91
C ASP A 27 13.40 9.78 -17.57
N ALA A 28 12.42 10.48 -17.00
CA ALA A 28 11.96 11.75 -17.57
C ALA A 28 13.06 12.80 -17.45
N GLU A 29 13.30 13.51 -18.55
CA GLU A 29 14.35 14.52 -18.62
C GLU A 29 13.73 15.84 -19.04
N CYS A 30 13.78 16.83 -18.17
CA CYS A 30 13.15 18.13 -18.40
C CYS A 30 14.11 19.27 -18.06
N THR A 31 15.39 19.11 -18.40
CA THR A 31 16.37 20.14 -18.09
C THR A 31 16.19 21.41 -18.91
N SER A 32 15.46 21.33 -20.03
CA SER A 32 15.28 22.50 -20.88
C SER A 32 14.35 23.54 -20.27
N TRP A 33 13.55 23.16 -19.26
CA TRP A 33 12.66 24.13 -18.61
C TRP A 33 12.60 24.02 -17.10
N MET A 34 13.03 22.92 -16.50
CA MET A 34 12.98 22.76 -15.05
C MET A 34 14.32 23.09 -14.42
N ASP A 35 14.29 23.84 -13.33
CA ASP A 35 15.49 24.18 -12.57
C ASP A 35 15.79 23.02 -11.62
N TYR A 36 16.78 22.18 -11.98
CA TYR A 36 17.12 21.04 -11.16
C TYR A 36 17.77 21.44 -9.85
N GLU A 37 18.31 22.65 -9.75
CA GLU A 37 18.85 23.13 -8.48
C GLU A 37 17.73 23.36 -7.48
N LYS A 38 16.67 24.04 -7.89
CA LYS A 38 15.55 24.32 -7.00
C LYS A 38 14.65 23.12 -6.82
N ASN A 39 14.53 22.27 -7.84
CA ASN A 39 13.70 21.05 -7.79
C ASN A 39 14.62 19.85 -8.02
N PRO A 40 15.31 19.38 -6.98
CA PRO A 40 16.27 18.29 -7.17
C PRO A 40 15.64 16.95 -7.51
N ILE A 41 14.36 16.73 -7.19
CA ILE A 41 13.71 15.46 -7.50
C ILE A 41 12.43 15.71 -8.27
N GLY A 42 12.28 16.93 -8.81
CA GLY A 42 11.07 17.28 -9.52
C GLY A 42 10.91 16.61 -10.86
N SER A 43 12.00 16.12 -11.44
CA SER A 43 11.93 15.48 -12.76
C SER A 43 11.13 14.18 -12.73
N GLU A 44 10.94 13.58 -11.55
CA GLU A 44 10.22 12.32 -11.45
C GLU A 44 8.82 12.42 -12.04
N THR A 45 8.19 13.59 -11.90
CA THR A 45 6.82 13.79 -12.36
C THR A 45 6.72 14.80 -13.50
N CYS A 46 7.84 15.20 -14.11
CA CYS A 46 7.82 16.27 -15.09
C CYS A 46 7.31 15.81 -16.46
N TRP A 47 6.95 14.53 -16.61
CA TRP A 47 6.36 14.04 -17.85
C TRP A 47 4.91 13.60 -17.68
N GLY A 48 4.30 13.89 -16.54
CA GLY A 48 2.88 13.66 -16.33
C GLY A 48 2.52 12.52 -15.41
N ASN A 49 3.49 11.71 -14.98
CA ASN A 49 3.19 10.62 -14.08
C ASN A 49 3.13 11.10 -12.63
N VAL A 50 2.36 10.39 -11.81
CA VAL A 50 2.24 10.74 -10.41
C VAL A 50 3.49 10.32 -9.66
N LYS A 51 3.65 10.84 -8.45
CA LYS A 51 4.77 10.46 -7.61
C LYS A 51 4.69 8.99 -7.26
N THR A 52 5.81 8.28 -7.41
CA THR A 52 5.82 6.84 -7.21
C THR A 52 5.61 6.50 -5.75
N ASN A 53 4.76 5.50 -5.50
CA ASN A 53 4.51 4.99 -4.16
C ASN A 53 4.60 3.47 -4.20
N GLU A 54 4.65 2.87 -3.00
CA GLU A 54 4.80 1.42 -2.90
C GLU A 54 3.56 0.68 -3.37
N ASP A 55 2.38 1.30 -3.26
CA ASP A 55 1.14 0.63 -3.62
C ASP A 55 1.04 0.34 -5.11
N ILE A 56 1.77 1.08 -5.94
CA ILE A 56 1.79 0.79 -7.38
C ILE A 56 2.37 -0.60 -7.62
N PHE A 57 3.48 -0.91 -6.97
CA PHE A 57 4.13 -2.20 -7.18
C PHE A 57 3.37 -3.34 -6.52
N LYS A 58 2.79 -3.08 -5.34
CA LYS A 58 2.00 -4.13 -4.68
C LYS A 58 0.76 -4.48 -5.48
N THR A 59 0.19 -3.51 -6.20
CA THR A 59 -0.93 -3.80 -7.08
C THR A 59 -0.51 -4.71 -8.23
N LEU A 60 0.71 -4.51 -8.73
CA LEU A 60 1.20 -5.35 -9.83
C LEU A 60 1.64 -6.72 -9.34
N MET A 61 2.24 -6.80 -8.15
CA MET A 61 2.62 -8.10 -7.62
C MET A 61 1.41 -8.96 -7.29
N ASP A 62 0.27 -8.33 -6.98
CA ASP A 62 -0.97 -9.09 -6.82
C ASP A 62 -1.33 -9.82 -8.11
N ASN A 63 -0.98 -9.27 -9.26
CA ASN A 63 -1.20 -9.92 -10.55
C ASN A 63 0.02 -10.70 -11.02
N GLN A 64 0.89 -11.10 -10.10
CA GLN A 64 2.01 -12.01 -10.31
C GLN A 64 3.17 -11.39 -11.08
N PHE A 65 3.28 -10.07 -11.13
CA PHE A 65 4.52 -9.44 -11.57
C PHE A 65 5.57 -9.60 -10.50
N ASN A 66 6.79 -9.98 -10.89
CA ASN A 66 7.88 -10.07 -9.92
C ASN A 66 9.20 -9.52 -10.44
N VAL A 67 9.20 -8.89 -11.60
CA VAL A 67 10.36 -8.18 -12.13
C VAL A 67 9.95 -6.74 -12.39
N PHE A 68 10.75 -5.80 -11.90
CA PHE A 68 10.40 -4.38 -11.99
C PHE A 68 11.63 -3.59 -12.44
N ARG A 69 11.60 -3.10 -13.67
CA ARG A 69 12.69 -2.33 -14.22
C ARG A 69 12.47 -0.86 -13.92
N ILE A 70 13.50 -0.21 -13.38
CA ILE A 70 13.42 1.20 -13.00
C ILE A 70 14.28 2.00 -13.96
N PRO A 71 13.73 2.50 -15.07
CA PRO A 71 14.53 3.35 -15.97
C PRO A 71 14.83 4.68 -15.31
N THR A 72 16.11 5.03 -15.24
CA THR A 72 16.55 6.22 -14.51
C THR A 72 17.46 7.04 -15.41
N THR A 73 17.13 8.32 -15.56
CA THR A 73 17.96 9.28 -16.27
C THR A 73 18.72 10.12 -15.25
N TRP A 74 20.04 10.16 -15.39
CA TRP A 74 20.88 10.90 -14.48
C TRP A 74 21.32 12.26 -15.03
N THR A 75 21.07 12.53 -16.31
CA THR A 75 21.34 13.84 -16.87
C THR A 75 20.58 14.91 -16.11
N GLY A 76 21.30 15.95 -15.69
CA GLY A 76 20.74 16.99 -14.86
C GLY A 76 20.94 16.79 -13.37
N HIS A 77 21.14 15.56 -12.93
CA HIS A 77 21.42 15.26 -11.52
C HIS A 77 22.90 15.04 -11.26
N ILE A 78 23.75 15.29 -12.26
CA ILE A 78 25.18 15.01 -12.17
C ILE A 78 25.93 16.33 -12.08
N GLY A 79 26.92 16.37 -11.19
CA GLY A 79 27.74 17.56 -11.03
C GLY A 79 28.70 17.75 -12.20
N GLU A 80 29.58 18.74 -12.03
CA GLU A 80 30.51 19.10 -13.09
C GLU A 80 31.59 18.03 -13.26
N ALA A 81 32.24 18.05 -14.42
CA ALA A 81 33.29 17.10 -14.70
C ALA A 81 34.57 17.48 -13.93
N PRO A 82 35.46 16.52 -13.68
CA PRO A 82 35.39 15.09 -14.00
C PRO A 82 34.91 14.22 -12.84
N GLU A 83 34.56 14.80 -11.70
CA GLU A 83 34.10 13.98 -10.58
C GLU A 83 32.70 13.43 -10.84
N TYR A 84 31.84 14.22 -11.48
CA TYR A 84 30.48 13.81 -11.82
C TYR A 84 29.70 13.40 -10.58
N LYS A 85 29.72 14.27 -9.56
CA LYS A 85 29.02 13.99 -8.33
C LYS A 85 27.51 13.95 -8.56
N ILE A 86 26.88 12.88 -8.11
CA ILE A 86 25.43 12.73 -8.25
C ILE A 86 24.74 13.46 -7.10
N ASN A 87 23.69 14.20 -7.43
CA ASN A 87 22.94 14.95 -6.43
C ASN A 87 22.44 14.02 -5.33
N GLU A 88 22.69 14.39 -4.08
CA GLU A 88 22.36 13.52 -2.95
C GLU A 88 20.86 13.32 -2.82
N GLN A 89 20.06 14.37 -3.03
CA GLN A 89 18.62 14.23 -2.94
C GLN A 89 18.07 13.32 -4.04
N TRP A 90 18.68 13.35 -5.23
CA TRP A 90 18.23 12.47 -6.30
C TRP A 90 18.58 11.02 -6.00
N MET A 91 19.80 10.77 -5.50
CA MET A 91 20.20 9.39 -5.20
C MET A 91 19.32 8.80 -4.11
N LYS A 92 18.90 9.62 -3.14
CA LYS A 92 18.03 9.13 -2.08
C LYS A 92 16.66 8.75 -2.62
N ARG A 93 16.09 9.59 -3.50
CA ARG A 93 14.78 9.29 -4.07
C ARG A 93 14.83 8.06 -4.96
N VAL A 94 15.93 7.87 -5.69
CA VAL A 94 16.08 6.64 -6.47
C VAL A 94 16.21 5.44 -5.54
N HIS A 95 16.90 5.61 -4.42
CA HIS A 95 17.01 4.52 -3.45
C HIS A 95 15.65 4.15 -2.88
N GLU A 96 14.80 5.15 -2.60
CA GLU A 96 13.48 4.88 -2.05
C GLU A 96 12.61 4.10 -3.03
N ILE A 97 12.63 4.49 -4.31
CA ILE A 97 11.79 3.84 -5.30
C ILE A 97 12.25 2.40 -5.53
N VAL A 98 13.56 2.19 -5.56
CA VAL A 98 14.09 0.83 -5.68
C VAL A 98 13.64 -0.05 -4.51
N ASP A 99 13.51 0.55 -3.32
CA ASP A 99 13.09 -0.22 -2.16
C ASP A 99 11.62 -0.63 -2.23
N TYR A 100 10.81 0.05 -3.05
CA TYR A 100 9.39 -0.32 -3.14
C TYR A 100 9.20 -1.77 -3.58
N PRO A 101 9.75 -2.23 -4.73
CA PRO A 101 9.57 -3.64 -5.10
C PRO A 101 10.58 -4.56 -4.42
N TYR A 102 11.76 -4.04 -4.08
CA TYR A 102 12.80 -4.88 -3.49
C TYR A 102 12.39 -5.34 -2.09
N LYS A 103 11.98 -4.41 -1.23
CA LYS A 103 11.60 -4.76 0.13
C LYS A 103 10.35 -5.65 0.17
N ASN A 104 9.66 -5.82 -0.95
CA ASN A 104 8.54 -6.75 -1.05
C ASN A 104 8.93 -8.06 -1.73
N GLY A 105 10.21 -8.23 -2.05
CA GLY A 105 10.74 -9.51 -2.48
C GLY A 105 10.82 -9.76 -3.96
N ALA A 106 10.65 -8.73 -4.78
CA ALA A 106 10.67 -8.87 -6.24
C ALA A 106 12.05 -8.54 -6.79
N PHE A 107 12.24 -8.89 -8.06
CA PHE A 107 13.46 -8.51 -8.78
C PHE A 107 13.37 -7.06 -9.21
N VAL A 108 14.50 -6.36 -9.17
CA VAL A 108 14.57 -4.95 -9.54
C VAL A 108 15.73 -4.77 -10.52
N ILE A 109 15.49 -3.98 -11.56
CA ILE A 109 16.51 -3.66 -12.56
C ILE A 109 16.70 -2.14 -12.54
N LEU A 110 17.89 -1.70 -12.17
CA LEU A 110 18.25 -0.29 -12.16
C LEU A 110 19.19 -0.02 -13.32
N ASN A 111 18.88 0.99 -14.14
CA ASN A 111 19.61 1.22 -15.36
C ASN A 111 20.04 2.68 -15.47
N ILE A 112 20.84 2.94 -16.50
CA ILE A 112 21.14 4.29 -16.97
C ILE A 112 20.38 4.48 -18.28
N HIS A 113 19.58 5.54 -18.35
CA HIS A 113 18.60 5.67 -19.44
C HIS A 113 18.94 6.80 -20.40
N HIS A 114 18.08 7.83 -20.44
CA HIS A 114 18.17 8.91 -21.42
C HIS A 114 19.29 9.88 -21.04
N GLU A 115 20.52 9.47 -21.30
CA GLU A 115 21.68 10.29 -20.99
C GLU A 115 22.12 11.07 -22.22
N THR A 116 22.69 12.25 -21.98
CA THR A 116 23.26 13.08 -23.04
C THR A 116 24.72 12.74 -23.34
N TRP A 117 25.37 11.95 -22.48
CA TRP A 117 26.81 11.78 -22.53
C TRP A 117 27.27 10.40 -22.96
N ASN A 118 26.36 9.42 -23.09
CA ASN A 118 26.72 8.07 -23.50
C ASN A 118 26.38 7.79 -24.96
N HIS A 119 26.32 8.83 -25.78
CA HIS A 119 26.12 8.65 -27.21
C HIS A 119 27.28 7.86 -27.82
N ALA A 120 26.93 6.89 -28.68
CA ALA A 120 27.91 5.95 -29.21
C ALA A 120 28.68 6.55 -30.39
N PHE A 121 29.31 7.69 -30.14
CA PHE A 121 30.14 8.38 -31.12
C PHE A 121 31.60 8.28 -30.71
N ALA A 122 32.45 7.90 -31.66
CA ALA A 122 33.89 7.80 -31.40
C ALA A 122 34.54 9.13 -31.07
N GLU A 123 33.84 10.24 -31.29
CA GLU A 123 34.44 11.55 -31.05
C GLU A 123 34.67 11.81 -29.56
N THR A 124 33.83 11.26 -28.69
CA THR A 124 33.86 11.60 -27.27
C THR A 124 33.81 10.37 -26.37
N VAL A 125 34.41 9.25 -26.81
CA VAL A 125 34.34 8.03 -26.02
C VAL A 125 35.16 8.15 -24.74
N ASP A 126 36.34 8.78 -24.84
CA ASP A 126 37.23 8.86 -23.68
C ASP A 126 36.54 9.53 -22.50
N GLU A 127 35.92 10.69 -22.72
CA GLU A 127 35.22 11.35 -21.64
C GLU A 127 33.91 10.62 -21.30
N ALA A 128 33.29 9.97 -22.28
CA ALA A 128 32.07 9.20 -21.99
C ALA A 128 32.37 8.00 -21.11
N LYS A 129 33.51 7.34 -21.33
CA LYS A 129 33.89 6.22 -20.47
C LYS A 129 34.22 6.69 -19.06
N VAL A 130 34.78 7.90 -18.92
CA VAL A 130 35.07 8.44 -17.60
C VAL A 130 33.78 8.71 -16.85
N GLU A 131 32.83 9.39 -17.50
CA GLU A 131 31.56 9.71 -16.84
C GLU A 131 30.77 8.45 -16.52
N LEU A 132 30.81 7.46 -17.42
CA LEU A 132 30.12 6.19 -17.15
C LEU A 132 30.71 5.50 -15.93
N ALA A 133 32.04 5.50 -15.80
CA ALA A 133 32.68 4.85 -14.67
C ALA A 133 32.38 5.59 -13.37
N GLN A 134 32.48 6.92 -13.38
CA GLN A 134 32.21 7.69 -12.17
C GLN A 134 30.77 7.53 -11.72
N VAL A 135 29.83 7.50 -12.66
CA VAL A 135 28.43 7.38 -12.30
C VAL A 135 28.14 6.00 -11.72
N TRP A 136 28.63 4.95 -12.37
CA TRP A 136 28.40 3.60 -11.86
C TRP A 136 29.20 3.30 -10.60
N LYS A 137 30.28 4.04 -10.34
CA LYS A 137 30.98 3.90 -9.06
C LYS A 137 30.08 4.30 -7.91
N GLN A 138 29.38 5.43 -8.05
CA GLN A 138 28.51 5.90 -6.97
C GLN A 138 27.27 5.02 -6.83
N ILE A 139 26.74 4.52 -7.95
CA ILE A 139 25.54 3.68 -7.90
C ILE A 139 25.86 2.35 -7.23
N ALA A 140 26.95 1.70 -7.66
CA ALA A 140 27.37 0.46 -7.02
C ALA A 140 27.67 0.67 -5.54
N GLU A 141 28.21 1.84 -5.19
CA GLU A 141 28.47 2.13 -3.78
C GLU A 141 27.18 2.31 -3.00
N GLU A 142 26.20 3.00 -3.59
CA GLU A 142 24.93 3.23 -2.90
C GLU A 142 24.20 1.93 -2.59
N PHE A 143 24.33 0.94 -3.46
CA PHE A 143 23.60 -0.32 -3.28
C PHE A 143 24.57 -1.49 -3.10
N LYS A 144 25.56 -1.33 -2.23
CA LYS A 144 26.53 -2.41 -2.01
C LYS A 144 25.88 -3.62 -1.36
N GLY A 145 25.13 -3.41 -0.28
CA GLY A 145 24.62 -4.51 0.51
C GLY A 145 23.33 -5.13 0.02
N TYR A 146 22.99 -4.91 -1.25
CA TYR A 146 21.77 -5.50 -1.81
C TYR A 146 22.08 -6.85 -2.43
N GLY A 147 21.11 -7.75 -2.33
CA GLY A 147 21.29 -9.13 -2.77
C GLY A 147 21.17 -9.30 -4.27
N GLU A 148 21.01 -10.55 -4.67
CA GLU A 148 20.96 -10.91 -6.09
C GLU A 148 19.70 -10.43 -6.79
N ARG A 149 18.66 -10.04 -6.03
CA ARG A 149 17.43 -9.58 -6.66
C ARG A 149 17.53 -8.17 -7.24
N LEU A 150 18.57 -7.41 -6.89
CA LEU A 150 18.83 -6.12 -7.49
C LEU A 150 19.81 -6.29 -8.64
N ILE A 151 19.40 -5.92 -9.84
CA ILE A 151 20.18 -6.13 -11.06
C ILE A 151 20.53 -4.77 -11.64
N PHE A 152 21.80 -4.60 -12.00
CA PHE A 152 22.25 -3.38 -12.66
C PHE A 152 22.23 -3.58 -14.17
N GLU A 153 21.70 -2.59 -14.89
CA GLU A 153 21.71 -2.58 -16.34
C GLU A 153 22.56 -1.41 -16.81
N GLY A 154 23.67 -1.71 -17.49
CA GLY A 154 24.68 -0.70 -17.73
C GLY A 154 24.17 0.45 -18.58
N GLN A 155 23.48 0.12 -19.67
CA GLN A 155 22.97 1.14 -20.58
C GLN A 155 21.59 0.71 -21.06
N ASN A 156 20.84 1.69 -21.57
CA ASN A 156 19.51 1.43 -22.10
C ASN A 156 19.59 1.16 -23.59
N GLU A 157 19.71 2.21 -24.40
CA GLU A 157 19.81 2.09 -25.85
C GLU A 157 20.94 3.00 -26.34
N PRO A 158 22.20 2.62 -26.08
CA PRO A 158 23.32 3.44 -26.54
C PRO A 158 23.44 3.37 -28.05
N ARG A 159 23.46 4.53 -28.70
CA ARG A 159 23.36 4.59 -30.15
C ARG A 159 23.97 5.90 -30.62
N LYS A 160 23.92 6.10 -31.94
CA LYS A 160 24.39 7.33 -32.59
C LYS A 160 23.16 8.20 -32.86
N ASN A 161 22.78 8.99 -31.88
CA ASN A 161 21.57 9.80 -31.97
C ASN A 161 21.72 10.86 -33.06
N GLY A 162 20.69 10.98 -33.90
CA GLY A 162 20.68 11.96 -34.96
C GLY A 162 21.13 11.43 -36.31
N THR A 163 21.83 10.30 -36.33
CA THR A 163 22.31 9.70 -37.56
C THR A 163 21.24 8.78 -38.15
N PRO A 164 21.31 8.52 -39.47
CA PRO A 164 20.47 7.45 -40.03
C PRO A 164 20.80 6.09 -39.44
N VAL A 165 21.98 5.93 -38.85
CA VAL A 165 22.41 4.69 -38.21
C VAL A 165 21.77 4.49 -36.84
N GLU A 166 20.95 5.44 -36.39
CA GLU A 166 20.44 5.42 -35.03
C GLU A 166 19.51 4.23 -34.78
N TRP A 167 18.61 3.93 -35.73
CA TRP A 167 17.60 2.90 -35.50
C TRP A 167 17.62 1.81 -36.56
N ASN A 168 18.74 1.60 -37.25
CA ASN A 168 18.83 0.57 -38.28
C ASN A 168 19.69 -0.61 -37.88
N GLY A 169 20.30 -0.58 -36.68
CA GLY A 169 21.13 -1.67 -36.22
C GLY A 169 22.51 -1.25 -35.79
N GLY A 170 23.04 -0.21 -36.41
CA GLY A 170 24.35 0.32 -36.08
C GLY A 170 25.35 0.12 -37.21
N ASP A 171 26.51 0.75 -37.02
CA ASP A 171 27.65 0.59 -37.90
C ASP A 171 28.87 0.20 -37.07
N LYS A 172 30.01 0.01 -37.74
CA LYS A 172 31.20 -0.49 -37.05
C LYS A 172 31.63 0.46 -35.93
N GLU A 173 31.47 1.77 -36.15
CA GLU A 173 31.84 2.74 -35.12
C GLU A 173 30.97 2.57 -33.87
N GLY A 174 29.65 2.50 -34.06
CA GLY A 174 28.77 2.39 -32.92
C GLY A 174 28.90 1.09 -32.17
N TRP A 175 29.16 -0.01 -32.90
CA TRP A 175 29.31 -1.31 -32.25
C TRP A 175 30.54 -1.33 -31.34
N ASP A 176 31.64 -0.72 -31.78
CA ASP A 176 32.85 -0.74 -30.97
C ASP A 176 32.70 0.16 -29.75
N VAL A 177 32.04 1.31 -29.91
CA VAL A 177 31.83 2.20 -28.77
C VAL A 177 30.94 1.54 -27.73
N VAL A 178 29.85 0.89 -28.17
CA VAL A 178 28.95 0.24 -27.23
C VAL A 178 29.66 -0.89 -26.50
N ASN A 179 30.46 -1.68 -27.23
CA ASN A 179 31.20 -2.76 -26.60
C ASN A 179 32.20 -2.23 -25.58
N ALA A 180 32.87 -1.12 -25.91
CA ALA A 180 33.82 -0.53 -24.97
C ALA A 180 33.11 0.02 -23.75
N MET A 181 31.96 0.68 -23.94
CA MET A 181 31.20 1.21 -22.81
C MET A 181 30.68 0.09 -21.92
N ASN A 182 30.21 -1.00 -22.53
CA ASN A 182 29.76 -2.15 -21.74
C ASN A 182 30.91 -2.71 -20.90
N ALA A 183 32.11 -2.76 -21.48
CA ALA A 183 33.26 -3.29 -20.75
C ALA A 183 33.59 -2.41 -19.55
N VAL A 184 33.51 -1.09 -19.72
CA VAL A 184 33.77 -0.18 -18.60
C VAL A 184 32.76 -0.38 -17.49
N PHE A 185 31.49 -0.59 -17.86
CA PHE A 185 30.45 -0.82 -16.87
C PHE A 185 30.70 -2.11 -16.08
N LEU A 186 31.01 -3.20 -16.79
CA LEU A 186 31.24 -4.48 -16.13
C LEU A 186 32.41 -4.40 -15.17
N GLU A 187 33.52 -3.79 -15.62
CA GLU A 187 34.71 -3.69 -14.79
C GLU A 187 34.46 -2.80 -13.56
N THR A 188 33.72 -1.71 -13.74
CA THR A 188 33.49 -0.78 -12.63
C THR A 188 32.69 -1.44 -11.51
N VAL A 189 31.64 -2.19 -11.86
CA VAL A 189 30.81 -2.80 -10.83
C VAL A 189 31.56 -3.97 -10.18
N ARG A 190 32.21 -4.81 -10.99
CA ARG A 190 32.94 -5.95 -10.43
C ARG A 190 34.10 -5.50 -9.54
N SER A 191 34.70 -4.36 -9.85
CA SER A 191 35.83 -3.87 -9.05
C SER A 191 35.40 -3.24 -7.74
N SER A 192 34.15 -2.84 -7.61
CA SER A 192 33.67 -2.28 -6.35
C SER A 192 33.53 -3.38 -5.30
N GLY A 193 33.37 -2.96 -4.06
CA GLY A 193 33.29 -3.89 -2.94
C GLY A 193 31.88 -4.38 -2.70
N GLY A 194 31.73 -5.12 -1.59
CA GLY A 194 30.43 -5.62 -1.22
C GLY A 194 29.97 -6.77 -2.09
N ASN A 195 28.66 -6.89 -2.25
CA ASN A 195 28.05 -7.93 -3.05
C ASN A 195 28.18 -7.68 -4.55
N ASN A 196 28.78 -6.57 -4.96
CA ASN A 196 28.82 -6.24 -6.38
C ASN A 196 29.66 -7.20 -7.20
N ALA A 197 30.53 -7.99 -6.56
CA ALA A 197 31.27 -9.01 -7.29
C ALA A 197 30.37 -10.14 -7.76
N LYS A 198 29.23 -10.36 -7.08
CA LYS A 198 28.30 -11.42 -7.45
C LYS A 198 26.95 -10.87 -7.89
N ARG A 199 26.86 -9.57 -8.18
CA ARG A 199 25.62 -8.98 -8.68
C ARG A 199 25.47 -9.26 -10.17
N HIS A 200 24.24 -9.51 -10.58
CA HIS A 200 23.97 -9.81 -11.98
C HIS A 200 23.85 -8.51 -12.78
N LEU A 201 24.51 -8.46 -13.92
CA LEU A 201 24.63 -7.24 -14.71
C LEU A 201 24.08 -7.48 -16.12
N MET A 202 23.30 -6.51 -16.60
CA MET A 202 22.71 -6.57 -17.93
C MET A 202 23.41 -5.59 -18.86
N ILE A 203 23.73 -6.05 -20.07
CA ILE A 203 24.38 -5.21 -21.07
C ILE A 203 23.61 -5.30 -22.38
N PRO A 204 23.38 -4.18 -23.06
CA PRO A 204 22.62 -4.23 -24.31
C PRO A 204 23.53 -4.25 -25.51
N PRO A 205 23.10 -4.81 -26.63
CA PRO A 205 23.79 -4.56 -27.90
C PRO A 205 23.54 -3.14 -28.37
N TYR A 206 23.90 -2.81 -29.62
CA TYR A 206 23.68 -1.47 -30.13
C TYR A 206 22.20 -1.11 -30.06
N ALA A 207 21.88 -0.08 -29.28
CA ALA A 207 20.52 0.43 -29.09
C ALA A 207 19.57 -0.62 -28.53
N ALA A 208 20.11 -1.70 -27.94
CA ALA A 208 19.31 -2.82 -27.46
C ALA A 208 18.36 -3.35 -28.55
N ALA A 209 18.80 -3.29 -29.80
CA ALA A 209 17.95 -3.60 -30.94
C ALA A 209 17.97 -5.09 -31.24
N CYS A 210 16.78 -5.62 -31.58
CA CYS A 210 16.67 -7.01 -32.03
C CYS A 210 16.93 -7.07 -33.53
N ASN A 211 18.19 -6.86 -33.88
CA ASN A 211 18.63 -6.76 -35.26
C ASN A 211 19.87 -7.61 -35.46
N GLU A 212 20.02 -8.13 -36.68
CA GLU A 212 21.15 -9.00 -36.99
C GLU A 212 22.48 -8.25 -36.87
N ASN A 213 22.52 -7.00 -37.31
CA ASN A 213 23.76 -6.23 -37.26
C ASN A 213 24.17 -5.96 -35.81
N SER A 214 23.19 -5.69 -34.93
CA SER A 214 23.52 -5.49 -33.52
C SER A 214 23.89 -6.81 -32.85
N PHE A 215 23.22 -7.91 -33.24
CA PHE A 215 23.51 -9.20 -32.62
C PHE A 215 24.86 -9.73 -33.06
N LYS A 216 25.23 -9.52 -34.33
CA LYS A 216 26.49 -10.07 -34.84
C LYS A 216 27.71 -9.38 -34.24
N ASN A 217 27.62 -8.09 -33.95
CA ASN A 217 28.76 -7.33 -33.45
C ASN A 217 28.57 -6.96 -31.98
N PHE A 218 28.18 -7.95 -31.17
CA PHE A 218 27.92 -7.75 -29.75
C PHE A 218 28.89 -8.61 -28.95
N ASP A 219 29.90 -7.96 -28.37
CA ASP A 219 30.82 -8.67 -27.48
C ASP A 219 30.12 -9.08 -26.20
N PHE A 220 30.28 -10.35 -25.82
CA PHE A 220 29.70 -10.85 -24.59
C PHE A 220 30.77 -11.60 -23.81
N PRO A 221 30.89 -11.36 -22.50
CA PRO A 221 31.94 -12.02 -21.73
C PRO A 221 31.75 -13.54 -21.70
N GLU A 222 32.88 -14.25 -21.74
CA GLU A 222 32.87 -15.71 -21.83
C GLU A 222 33.18 -16.39 -20.50
N ASP A 223 33.60 -15.63 -19.49
CA ASP A 223 33.96 -16.20 -18.19
C ASP A 223 33.19 -15.56 -17.04
N ASP A 224 32.01 -15.01 -17.31
CA ASP A 224 31.18 -14.39 -16.27
C ASP A 224 29.76 -14.93 -16.42
N ASP A 225 29.39 -15.86 -15.54
CA ASP A 225 28.08 -16.50 -15.56
C ASP A 225 26.98 -15.63 -14.96
N LYS A 226 27.29 -14.38 -14.60
CA LYS A 226 26.32 -13.48 -14.00
C LYS A 226 26.12 -12.23 -14.84
N VAL A 227 26.27 -12.34 -16.16
CA VAL A 227 26.05 -11.23 -17.08
C VAL A 227 24.90 -11.61 -18.00
N ILE A 228 23.97 -10.67 -18.20
CA ILE A 228 22.75 -10.91 -18.96
C ILE A 228 22.70 -9.95 -20.14
N ALA A 229 22.14 -10.43 -21.24
CA ALA A 229 21.92 -9.60 -22.43
C ALA A 229 20.56 -8.93 -22.36
N SER A 230 20.53 -7.65 -22.69
CA SER A 230 19.32 -6.82 -22.61
C SER A 230 18.86 -6.49 -24.02
N VAL A 231 17.67 -6.97 -24.40
CA VAL A 231 17.13 -6.76 -25.73
C VAL A 231 15.74 -6.13 -25.60
N HIS A 232 15.44 -5.16 -26.46
CA HIS A 232 14.12 -4.57 -26.57
C HIS A 232 13.51 -5.00 -27.89
N ALA A 233 12.23 -5.41 -27.87
CA ALA A 233 11.61 -5.96 -29.08
C ALA A 233 10.12 -5.66 -29.05
N TYR A 234 9.75 -4.52 -29.65
CA TYR A 234 8.34 -4.17 -29.85
C TYR A 234 7.93 -4.70 -31.22
N SER A 235 7.70 -6.01 -31.27
CA SER A 235 7.44 -6.67 -32.54
C SER A 235 6.04 -7.27 -32.57
N PRO A 236 5.33 -7.19 -33.70
CA PRO A 236 5.72 -6.54 -34.96
C PRO A 236 5.60 -5.02 -34.86
N TYR A 237 6.34 -4.29 -35.70
CA TYR A 237 6.47 -2.84 -35.53
C TYR A 237 5.14 -2.12 -35.76
N ASN A 238 4.49 -2.39 -36.90
CA ASN A 238 3.28 -1.65 -37.24
C ASN A 238 2.18 -1.86 -36.22
N PHE A 239 2.13 -3.02 -35.58
CA PHE A 239 1.05 -3.30 -34.64
C PHE A 239 1.38 -2.79 -33.24
N ALA A 240 2.65 -2.79 -32.85
CA ALA A 240 3.05 -2.52 -31.48
C ALA A 240 3.65 -1.14 -31.26
N LEU A 241 4.52 -0.67 -32.16
CA LEU A 241 5.31 0.52 -31.91
C LEU A 241 5.02 1.68 -32.87
N ASN A 242 4.54 1.39 -34.08
CA ASN A 242 4.32 2.44 -35.05
C ASN A 242 3.28 3.44 -34.54
N ASN A 243 3.69 4.70 -34.41
CA ASN A 243 2.81 5.77 -33.96
C ASN A 243 2.56 6.77 -35.08
N GLY A 244 2.52 6.29 -36.33
CA GLY A 244 2.32 7.19 -37.46
C GLY A 244 1.66 6.55 -38.66
N GLU A 245 2.35 6.55 -39.79
N GLU A 245 2.35 6.60 -39.79
CA GLU A 245 1.75 6.20 -41.08
CA GLU A 245 1.85 5.98 -41.01
C GLU A 245 1.15 4.79 -41.10
C GLU A 245 2.17 4.49 -41.02
N GLY A 246 2.00 3.77 -41.21
N GLY A 246 1.21 3.71 -41.52
CA GLY A 246 1.53 2.42 -41.44
CA GLY A 246 1.35 2.28 -41.54
C GLY A 246 1.13 1.63 -40.20
C GLY A 246 0.95 1.57 -40.26
N ALA A 247 0.51 2.31 -39.24
CA ALA A 247 0.10 1.66 -38.01
C ALA A 247 -1.13 0.79 -38.23
N VAL A 248 -1.10 -0.42 -37.66
CA VAL A 248 -2.20 -1.36 -37.79
C VAL A 248 -2.67 -1.73 -36.39
N ASP A 249 -3.97 -2.03 -36.28
CA ASP A 249 -4.57 -2.43 -35.01
C ASP A 249 -4.85 -3.93 -34.92
N LYS A 250 -4.72 -4.66 -36.02
CA LYS A 250 -4.92 -6.10 -36.03
C LYS A 250 -3.59 -6.82 -35.93
N PHE A 251 -3.61 -7.98 -35.28
CA PHE A 251 -2.45 -8.88 -35.24
C PHE A 251 -2.66 -9.93 -36.33
N ASP A 252 -2.26 -9.59 -37.55
CA ASP A 252 -2.55 -10.41 -38.72
C ASP A 252 -1.48 -11.49 -38.89
N ALA A 253 -1.57 -12.24 -40.00
CA ALA A 253 -0.61 -13.31 -40.25
C ALA A 253 0.76 -12.75 -40.59
N SER A 254 0.82 -11.64 -41.31
CA SER A 254 2.11 -11.01 -41.58
C SER A 254 2.76 -10.50 -40.31
N GLY A 255 1.95 -10.04 -39.34
CA GLY A 255 2.50 -9.64 -38.07
C GLY A 255 3.04 -10.81 -37.27
N LYS A 256 2.38 -11.97 -37.36
CA LYS A 256 2.88 -13.16 -36.68
C LYS A 256 4.19 -13.63 -37.30
N ASN A 257 4.29 -13.57 -38.64
CA ASN A 257 5.52 -13.97 -39.30
C ASN A 257 6.69 -13.09 -38.87
N GLU A 258 6.47 -11.77 -38.80
CA GLU A 258 7.53 -10.87 -38.38
C GLU A 258 7.93 -11.11 -36.94
N LEU A 259 6.95 -11.33 -36.06
CA LEU A 259 7.26 -11.63 -34.67
C LEU A 259 8.00 -12.96 -34.53
N ASP A 260 7.54 -13.98 -35.26
CA ASP A 260 8.22 -15.27 -35.24
C ASP A 260 9.65 -15.16 -35.74
N TRP A 261 9.89 -14.27 -36.71
CA TRP A 261 11.25 -14.09 -37.23
C TRP A 261 12.18 -13.51 -36.18
N ASN A 262 11.71 -12.49 -35.45
CA ASN A 262 12.56 -11.85 -34.45
C ASN A 262 12.74 -12.71 -33.21
N ILE A 263 11.73 -13.50 -32.83
CA ILE A 263 11.90 -14.44 -31.73
C ILE A 263 12.95 -15.49 -32.09
N ASN A 264 13.00 -15.89 -33.37
CA ASN A 264 14.01 -16.84 -33.80
C ASN A 264 15.40 -16.21 -33.82
N LEU A 265 15.47 -14.89 -34.05
CA LEU A 265 16.76 -14.21 -33.96
C LEU A 265 17.30 -14.24 -32.53
N MET A 266 16.42 -14.10 -31.54
CA MET A 266 16.85 -14.19 -30.15
C MET A 266 17.29 -15.60 -29.79
N LYS A 267 16.64 -16.62 -30.36
CA LYS A 267 17.01 -18.00 -30.07
C LYS A 267 18.37 -18.34 -30.67
N LYS A 268 18.60 -17.95 -31.93
CA LYS A 268 19.87 -18.27 -32.57
C LYS A 268 21.03 -17.52 -31.94
N ARG A 269 20.79 -16.30 -31.46
CA ARG A 269 21.87 -15.47 -30.95
C ARG A 269 22.19 -15.73 -29.48
N PHE A 270 21.16 -15.95 -28.65
CA PHE A 270 21.36 -16.05 -27.21
C PHE A 270 21.01 -17.41 -26.64
N VAL A 271 19.81 -17.94 -26.92
CA VAL A 271 19.36 -19.16 -26.28
C VAL A 271 20.24 -20.34 -26.68
N ASP A 272 20.50 -20.50 -27.97
CA ASP A 272 21.31 -21.61 -28.44
C ASP A 272 22.76 -21.50 -27.98
N GLN A 273 23.25 -20.28 -27.79
CA GLN A 273 24.64 -20.05 -27.41
C GLN A 273 24.84 -19.95 -25.90
N GLY A 274 23.82 -20.27 -25.11
CA GLY A 274 23.95 -20.26 -23.67
C GLY A 274 24.09 -18.88 -23.06
N ILE A 275 23.64 -17.84 -23.74
CA ILE A 275 23.76 -16.47 -23.26
C ILE A 275 22.44 -16.11 -22.56
N PRO A 276 22.42 -15.93 -21.24
CA PRO A 276 21.19 -15.50 -20.58
C PRO A 276 20.74 -14.13 -21.08
N MET A 277 19.45 -14.00 -21.33
CA MET A 277 18.91 -12.81 -21.97
C MET A 277 17.56 -12.47 -21.37
N ILE A 278 17.28 -11.17 -21.28
CA ILE A 278 16.03 -10.66 -20.74
C ILE A 278 15.47 -9.64 -21.73
N LEU A 279 14.20 -9.78 -22.09
CA LEU A 279 13.50 -8.78 -22.90
C LEU A 279 13.09 -7.63 -21.99
N GLY A 280 14.01 -6.69 -21.80
CA GLY A 280 13.79 -5.62 -20.84
C GLY A 280 12.73 -4.61 -21.23
N GLU A 281 12.40 -4.52 -22.53
CA GLU A 281 11.36 -3.61 -22.99
C GLU A 281 10.57 -4.26 -24.12
N TYR A 282 9.24 -4.14 -24.04
CA TYR A 282 8.34 -4.59 -25.10
C TYR A 282 6.95 -4.09 -24.75
N GLY A 283 6.05 -4.19 -25.71
CA GLY A 283 4.67 -3.79 -25.49
C GLY A 283 3.97 -3.48 -26.79
N ALA A 284 2.66 -3.31 -26.68
CA ALA A 284 1.81 -2.97 -27.81
C ALA A 284 1.01 -1.72 -27.47
N MET A 285 1.04 -0.75 -28.38
CA MET A 285 0.41 0.54 -28.14
C MET A 285 -1.12 0.41 -28.15
N ASN A 286 -1.76 1.25 -27.34
CA ASN A 286 -3.22 1.26 -27.27
C ASN A 286 -3.81 1.86 -28.54
N ARG A 287 -4.60 1.05 -29.26
CA ARG A 287 -5.31 1.51 -30.45
C ARG A 287 -6.78 1.13 -30.39
N ASP A 288 -7.36 1.13 -29.19
CA ASP A 288 -8.71 0.64 -28.96
C ASP A 288 -8.87 -0.77 -29.50
N ASN A 289 -7.94 -1.63 -29.10
CA ASN A 289 -7.86 -3.00 -29.62
C ASN A 289 -7.37 -3.93 -28.52
N GLU A 290 -8.02 -3.86 -27.35
CA GLU A 290 -7.54 -4.62 -26.19
C GLU A 290 -7.52 -6.11 -26.47
N GLU A 291 -8.51 -6.61 -27.21
CA GLU A 291 -8.56 -8.05 -27.47
C GLU A 291 -7.56 -8.46 -28.54
N GLU A 292 -7.21 -7.56 -29.46
CA GLU A 292 -6.12 -7.84 -30.39
C GLU A 292 -4.79 -7.88 -29.67
N ARG A 293 -4.56 -6.95 -28.73
CA ARG A 293 -3.31 -6.93 -27.99
C ARG A 293 -3.24 -8.07 -26.99
N ALA A 294 -4.40 -8.56 -26.52
CA ALA A 294 -4.41 -9.66 -25.57
C ALA A 294 -3.95 -10.95 -26.24
N ALA A 295 -4.48 -11.24 -27.43
CA ALA A 295 -4.06 -12.43 -28.15
C ALA A 295 -2.60 -12.33 -28.59
N TRP A 296 -2.15 -11.12 -28.94
CA TRP A 296 -0.75 -10.92 -29.27
C TRP A 296 0.15 -11.13 -28.05
N ALA A 297 -0.29 -10.64 -26.88
CA ALA A 297 0.53 -10.78 -25.67
C ALA A 297 0.64 -12.23 -25.23
N GLU A 298 -0.45 -12.98 -25.31
CA GLU A 298 -0.41 -14.38 -24.89
C GLU A 298 0.46 -15.21 -25.84
N TYR A 299 0.36 -14.95 -27.14
CA TYR A 299 1.19 -15.65 -28.10
C TYR A 299 2.67 -15.31 -27.92
N TYR A 300 2.97 -14.02 -27.80
CA TYR A 300 4.34 -13.59 -27.53
C TYR A 300 4.89 -14.23 -26.27
N MET A 301 4.11 -14.19 -25.19
CA MET A 301 4.55 -14.77 -23.91
C MET A 301 4.75 -16.27 -24.03
N GLU A 302 3.86 -16.96 -24.75
CA GLU A 302 3.97 -18.40 -24.87
C GLU A 302 5.26 -18.80 -25.60
N LYS A 303 5.63 -18.04 -26.63
CA LYS A 303 6.80 -18.42 -27.43
C LYS A 303 8.09 -18.29 -26.62
N ILE A 304 8.31 -17.13 -26.01
CA ILE A 304 9.57 -16.92 -25.30
C ILE A 304 9.62 -17.68 -23.98
N THR A 305 8.45 -18.02 -23.42
CA THR A 305 8.46 -18.88 -22.23
C THR A 305 9.01 -20.25 -22.55
N ALA A 306 8.71 -20.77 -23.75
CA ALA A 306 9.30 -22.01 -24.20
C ALA A 306 10.80 -21.90 -24.41
N LEU A 307 11.31 -20.68 -24.59
CA LEU A 307 12.74 -20.42 -24.68
C LEU A 307 13.36 -20.08 -23.34
N GLY A 308 12.56 -19.94 -22.28
CA GLY A 308 13.08 -19.57 -20.98
C GLY A 308 13.46 -18.11 -20.84
N VAL A 309 12.93 -17.23 -21.67
CA VAL A 309 13.28 -15.82 -21.67
C VAL A 309 12.10 -15.04 -21.11
N PRO A 310 12.29 -14.24 -20.07
CA PRO A 310 11.22 -13.38 -19.56
C PRO A 310 11.20 -12.03 -20.25
N GLN A 311 10.02 -11.39 -20.23
CA GLN A 311 9.84 -10.08 -20.84
C GLN A 311 9.28 -9.10 -19.83
N VAL A 312 9.57 -7.83 -20.06
CA VAL A 312 9.22 -6.74 -19.15
C VAL A 312 8.43 -5.69 -19.93
N TRP A 313 7.18 -5.47 -19.52
CA TRP A 313 6.31 -4.54 -20.22
C TRP A 313 6.75 -3.10 -19.98
N TRP A 314 6.77 -2.30 -21.05
CA TRP A 314 7.07 -0.88 -20.97
C TRP A 314 5.78 -0.11 -20.73
N ASP A 315 5.69 0.55 -19.58
CA ASP A 315 4.49 1.29 -19.17
C ASP A 315 4.91 2.73 -18.91
N ASN A 316 4.54 3.63 -19.82
CA ASN A 316 4.85 5.04 -19.68
C ASN A 316 3.70 5.84 -19.06
N GLY A 317 2.62 5.19 -18.66
CA GLY A 317 1.50 5.89 -18.06
C GLY A 317 0.68 6.72 -19.03
N VAL A 318 0.84 6.48 -20.33
CA VAL A 318 0.10 7.21 -21.36
C VAL A 318 -0.97 6.29 -21.91
N PHE A 319 -2.21 6.78 -21.95
CA PHE A 319 -3.34 6.01 -22.45
C PHE A 319 -4.02 6.64 -23.64
N GLU A 320 -4.14 7.96 -23.66
CA GLU A 320 -4.82 8.69 -24.74
C GLU A 320 -3.84 9.65 -25.41
N GLY A 321 -4.31 10.29 -26.47
CA GLY A 321 -3.54 11.32 -27.12
C GLY A 321 -2.69 10.83 -28.27
N GLU A 322 -1.83 11.73 -28.74
CA GLU A 322 -0.96 11.46 -29.87
C GLU A 322 0.36 10.82 -29.49
N GLY A 323 0.67 10.73 -28.19
CA GLY A 323 1.89 10.11 -27.75
C GLY A 323 1.84 8.60 -27.82
N GLU A 324 2.94 7.97 -27.39
CA GLU A 324 3.03 6.52 -27.36
C GLU A 324 2.23 6.00 -26.17
N ARG A 325 1.17 5.23 -26.45
CA ARG A 325 0.20 4.84 -25.43
C ARG A 325 0.46 3.39 -25.02
N PHE A 326 1.41 3.23 -24.11
CA PHE A 326 1.77 1.93 -23.56
C PHE A 326 1.25 1.74 -22.15
N GLY A 327 0.40 2.64 -21.66
CA GLY A 327 -0.12 2.52 -20.31
C GLY A 327 -0.81 1.19 -20.08
N LEU A 328 -0.61 0.64 -18.87
CA LEU A 328 -1.26 -0.60 -18.44
C LEU A 328 -1.92 -0.54 -17.07
N ILE A 329 -1.42 0.26 -16.14
CA ILE A 329 -2.02 0.42 -14.82
C ILE A 329 -2.24 1.90 -14.58
N ASP A 330 -3.40 2.25 -14.04
CA ASP A 330 -3.66 3.63 -13.63
C ASP A 330 -3.01 3.83 -12.26
N ARG A 331 -1.88 4.53 -12.24
CA ARG A 331 -1.10 4.63 -11.00
C ARG A 331 -1.81 5.45 -9.93
N LYS A 332 -2.65 6.41 -10.34
CA LYS A 332 -3.32 7.24 -9.35
C LYS A 332 -4.45 6.50 -8.67
N ASN A 333 -5.15 5.64 -9.41
CA ASN A 333 -6.28 4.88 -8.88
C ASN A 333 -5.94 3.42 -8.60
N LEU A 334 -4.72 2.98 -8.92
CA LEU A 334 -4.26 1.61 -8.63
C LEU A 334 -5.20 0.57 -9.25
N LYS A 335 -5.45 0.73 -10.56
CA LYS A 335 -6.36 -0.16 -11.28
C LYS A 335 -5.72 -0.61 -12.57
N ILE A 336 -5.94 -1.88 -12.91
CA ILE A 336 -5.49 -2.43 -14.19
C ILE A 336 -6.48 -1.97 -15.26
N VAL A 337 -6.00 -1.15 -16.19
CA VAL A 337 -6.89 -0.59 -17.21
C VAL A 337 -7.25 -1.61 -18.27
N TYR A 338 -6.34 -2.55 -18.58
CA TYR A 338 -6.55 -3.56 -19.60
C TYR A 338 -6.41 -4.93 -18.95
N PRO A 339 -7.48 -5.43 -18.31
CA PRO A 339 -7.34 -6.68 -17.53
C PRO A 339 -7.10 -7.91 -18.38
N SER A 340 -7.62 -7.94 -19.61
CA SER A 340 -7.41 -9.12 -20.46
C SER A 340 -5.98 -9.22 -20.95
N ILE A 341 -5.25 -8.10 -21.03
CA ILE A 341 -3.84 -8.16 -21.36
C ILE A 341 -3.05 -8.81 -20.23
N VAL A 342 -3.34 -8.42 -18.99
CA VAL A 342 -2.67 -9.03 -17.84
C VAL A 342 -3.03 -10.50 -17.74
N ALA A 343 -4.29 -10.85 -18.02
CA ALA A 343 -4.67 -12.26 -18.02
C ALA A 343 -3.92 -13.04 -19.09
N ALA A 344 -3.65 -12.40 -20.23
CA ALA A 344 -2.91 -13.07 -21.29
C ALA A 344 -1.47 -13.31 -20.88
N LEU A 345 -0.87 -12.37 -20.14
CA LEU A 345 0.49 -12.58 -19.65
C LEU A 345 0.54 -13.75 -18.66
N GLN A 346 -0.47 -13.84 -17.79
CA GLN A 346 -0.51 -14.94 -16.83
C GLN A 346 -0.72 -16.28 -17.52
N LYS A 347 -1.65 -16.34 -18.48
CA LYS A 347 -1.94 -17.61 -19.15
C LYS A 347 -0.78 -18.04 -20.03
N GLY A 348 -0.16 -17.10 -20.75
CA GLY A 348 0.96 -17.44 -21.60
C GLY A 348 2.19 -17.85 -20.83
N ARG A 349 2.39 -17.29 -19.63
CA ARG A 349 3.52 -17.66 -18.79
C ARG A 349 3.35 -19.03 -18.16
N GLY A 350 2.15 -19.58 -18.19
CA GLY A 350 1.88 -20.85 -17.54
C GLY A 350 1.32 -20.74 -16.14
N LEU A 351 0.84 -19.57 -15.73
CA LEU A 351 0.33 -19.35 -14.38
C LEU A 351 -1.20 -19.44 -14.36
N GLU A 352 -1.75 -19.47 -13.16
CA GLU A 352 -3.20 -19.40 -12.99
C GLU A 352 -3.68 -18.00 -13.31
N VAL A 353 -4.71 -17.90 -14.14
CA VAL A 353 -5.28 -16.60 -14.47
C VAL A 353 -6.06 -16.08 -13.26
N ASN A 354 -5.66 -14.92 -12.77
CA ASN A 354 -6.33 -14.31 -11.62
C ASN A 354 -5.99 -12.82 -11.63
N VAL A 355 -6.86 -12.02 -12.24
CA VAL A 355 -6.62 -10.59 -12.40
C VAL A 355 -7.31 -9.86 -11.25
N LEU A 356 -6.52 -9.13 -10.47
CA LEU A 356 -7.02 -8.36 -9.34
C LEU A 356 -6.91 -6.87 -9.61
N HIS A 357 -7.76 -6.10 -8.93
CA HIS A 357 -7.78 -4.64 -9.05
C HIS A 357 -8.08 -4.20 -10.47
N ALA A 358 -8.94 -4.94 -11.16
CA ALA A 358 -9.27 -4.64 -12.55
C ALA A 358 -10.24 -3.46 -12.62
N ILE A 359 -10.17 -2.73 -13.74
CA ILE A 359 -11.06 -1.60 -13.95
C ILE A 359 -12.47 -2.12 -14.24
N GLU A 360 -13.47 -1.29 -13.90
CA GLU A 360 -14.85 -1.69 -14.12
C GLU A 360 -15.20 -1.63 -15.61
N THR A 361 -16.34 -2.24 -15.95
CA THR A 361 -16.81 -2.27 -17.32
C THR A 361 -17.76 -1.10 -17.55
N GLU A 362 -17.50 -0.32 -18.61
CA GLU A 362 -18.27 0.91 -18.82
C GLU A 362 -19.74 0.65 -19.14
N PRO A 363 -20.11 -0.26 -20.08
CA PRO A 363 -21.51 -0.50 -20.45
C PRO A 363 -22.52 -0.48 -19.31
N SER B 1 9.81 -7.26 21.83
CA SER B 1 9.03 -8.28 21.11
C SER B 1 8.21 -9.09 22.10
N ASN B 2 8.65 -9.11 23.37
CA ASN B 2 7.92 -9.78 24.44
C ASN B 2 7.82 -8.96 25.72
N ALA B 3 8.57 -7.87 25.85
CA ALA B 3 8.50 -7.04 27.04
C ALA B 3 7.31 -6.08 26.98
N ILE B 4 7.07 -5.39 28.08
CA ILE B 4 5.97 -4.43 28.18
C ILE B 4 6.38 -3.34 29.16
N ARG B 5 6.00 -2.10 28.84
CA ARG B 5 6.28 -0.98 29.72
C ARG B 5 5.30 -0.94 30.88
N ASP B 6 5.80 -0.62 32.06
CA ASP B 6 4.98 -0.47 33.25
C ASP B 6 4.69 1.03 33.41
N ILE B 7 3.67 1.49 32.70
CA ILE B 7 3.32 2.90 32.65
C ILE B 7 1.83 3.04 32.94
N SER B 8 1.46 4.12 33.63
CA SER B 8 0.06 4.35 33.95
C SER B 8 -0.72 4.75 32.70
N SER B 9 -2.04 4.55 32.76
CA SER B 9 -2.90 4.90 31.63
C SER B 9 -2.88 6.40 31.37
N ILE B 10 -2.84 7.21 32.44
CA ILE B 10 -2.78 8.65 32.27
C ILE B 10 -1.54 9.06 31.49
N GLU B 11 -0.39 8.44 31.80
CA GLU B 11 0.84 8.77 31.10
C GLU B 11 0.89 8.16 29.71
N LEU B 12 0.29 6.98 29.51
CA LEU B 12 0.30 6.36 28.20
C LEU B 12 -0.66 7.05 27.24
N ILE B 13 -1.76 7.60 27.75
CA ILE B 13 -2.73 8.28 26.90
C ILE B 13 -2.12 9.51 26.23
N LYS B 14 -1.17 10.16 26.90
CA LYS B 14 -0.49 11.32 26.32
C LYS B 14 0.16 11.02 24.97
N GLU B 15 0.53 9.76 24.73
CA GLU B 15 1.16 9.39 23.47
C GLU B 15 0.17 9.26 22.32
N MET B 16 -1.12 9.24 22.60
CA MET B 16 -2.12 9.09 21.55
C MET B 16 -2.45 10.43 20.90
N ARG B 17 -2.65 10.40 19.58
CA ARG B 17 -3.06 11.60 18.85
C ARG B 17 -4.56 11.54 18.59
N PHE B 18 -4.98 10.87 17.52
CA PHE B 18 -6.38 10.59 17.28
C PHE B 18 -6.50 9.21 16.65
N GLY B 19 -7.72 8.66 16.69
CA GLY B 19 -7.95 7.27 16.36
C GLY B 19 -8.90 7.07 15.19
N TRP B 20 -9.00 5.81 14.78
CA TRP B 20 -9.83 5.40 13.65
C TRP B 20 -10.38 4.00 13.92
N ASN B 21 -11.68 3.81 13.68
CA ASN B 21 -12.34 2.54 13.88
C ASN B 21 -12.40 1.76 12.57
N LEU B 22 -12.24 0.45 12.65
CA LEU B 22 -12.47 -0.45 11.52
C LEU B 22 -13.90 -0.98 11.58
N GLY B 23 -14.85 -0.05 11.35
CA GLY B 23 -16.25 -0.35 11.55
C GLY B 23 -16.87 -1.15 10.43
N ASN B 24 -17.95 -1.86 10.79
CA ASN B 24 -18.69 -2.71 9.86
C ASN B 24 -17.77 -3.70 9.15
N THR B 25 -16.85 -4.27 9.92
CA THR B 25 -15.90 -5.24 9.39
C THR B 25 -15.93 -6.51 10.24
N LEU B 26 -15.06 -6.58 11.25
CA LEU B 26 -15.11 -7.69 12.19
C LEU B 26 -16.31 -7.63 13.12
N ASP B 27 -17.01 -6.50 13.16
CA ASP B 27 -18.25 -6.39 13.92
C ASP B 27 -19.47 -6.75 13.11
N ALA B 28 -19.32 -6.98 11.80
CA ALA B 28 -20.46 -7.33 10.96
C ALA B 28 -21.00 -8.70 11.33
N GLU B 29 -22.32 -8.81 11.35
CA GLU B 29 -23.01 -10.04 11.75
C GLU B 29 -24.06 -10.37 10.70
N CYS B 30 -23.94 -11.54 10.09
CA CYS B 30 -24.81 -11.94 8.98
C CYS B 30 -25.23 -13.39 9.11
N THR B 31 -25.43 -13.86 10.35
CA THR B 31 -25.83 -15.25 10.56
C THR B 31 -27.22 -15.54 9.99
N SER B 32 -28.02 -14.52 9.70
CA SER B 32 -29.35 -14.74 9.18
C SER B 32 -29.32 -15.42 7.81
N TRP B 33 -28.33 -15.08 6.98
CA TRP B 33 -28.26 -15.59 5.63
C TRP B 33 -26.95 -16.28 5.29
N MET B 34 -25.93 -16.19 6.13
CA MET B 34 -24.62 -16.76 5.84
C MET B 34 -24.37 -17.97 6.74
N ASP B 35 -23.84 -19.04 6.15
CA ASP B 35 -23.43 -20.23 6.88
C ASP B 35 -22.00 -20.02 7.36
N TYR B 36 -21.85 -19.79 8.67
CA TYR B 36 -20.51 -19.56 9.22
C TYR B 36 -19.67 -20.83 9.23
N GLU B 37 -20.29 -22.00 9.22
CA GLU B 37 -19.52 -23.24 9.12
C GLU B 37 -18.78 -23.33 7.80
N LYS B 38 -19.48 -23.05 6.70
CA LYS B 38 -18.84 -23.07 5.39
C LYS B 38 -17.96 -21.85 5.16
N ASN B 39 -18.21 -20.75 5.88
CA ASN B 39 -17.46 -19.51 5.72
C ASN B 39 -17.08 -18.99 7.09
N PRO B 40 -16.01 -19.55 7.69
CA PRO B 40 -15.66 -19.16 9.07
C PRO B 40 -15.23 -17.72 9.23
N ILE B 41 -14.65 -17.11 8.19
CA ILE B 41 -14.18 -15.74 8.26
C ILE B 41 -14.92 -14.83 7.28
N GLY B 42 -16.02 -15.31 6.71
CA GLY B 42 -16.73 -14.53 5.70
C GLY B 42 -17.46 -13.31 6.24
N SER B 43 -17.78 -13.29 7.53
CA SER B 43 -18.53 -12.18 8.10
C SER B 43 -17.77 -10.87 8.04
N GLU B 44 -16.44 -10.91 7.93
CA GLU B 44 -15.65 -9.68 7.87
C GLU B 44 -16.10 -8.78 6.74
N THR B 45 -16.45 -9.35 5.58
CA THR B 45 -16.85 -8.61 4.41
C THR B 45 -18.35 -8.67 4.16
N CYS B 46 -19.13 -9.21 5.11
CA CYS B 46 -20.54 -9.47 4.85
C CYS B 46 -21.41 -8.20 4.94
N TRP B 47 -20.87 -7.08 5.41
CA TRP B 47 -21.59 -5.82 5.40
C TRP B 47 -21.05 -4.86 4.34
N GLY B 48 -20.27 -5.35 3.39
CA GLY B 48 -19.88 -4.59 2.22
C GLY B 48 -18.50 -3.99 2.23
N ASN B 49 -17.74 -4.16 3.31
CA ASN B 49 -16.38 -3.61 3.37
C ASN B 49 -15.38 -4.59 2.77
N VAL B 50 -14.34 -4.03 2.15
CA VAL B 50 -13.32 -4.88 1.55
C VAL B 50 -12.53 -5.61 2.64
N LYS B 51 -11.87 -6.69 2.24
CA LYS B 51 -11.04 -7.44 3.16
C LYS B 51 -9.92 -6.55 3.69
N THR B 52 -9.74 -6.57 5.01
CA THR B 52 -8.81 -5.67 5.65
C THR B 52 -7.38 -5.98 5.25
N ASN B 53 -6.60 -4.93 4.99
CA ASN B 53 -5.19 -5.07 4.66
C ASN B 53 -4.40 -4.02 5.42
N GLU B 54 -3.07 -4.18 5.42
CA GLU B 54 -2.21 -3.30 6.19
C GLU B 54 -2.14 -1.90 5.59
N ASP B 55 -2.30 -1.77 4.27
CA ASP B 55 -2.12 -0.48 3.62
C ASP B 55 -3.20 0.52 4.02
N ILE B 56 -4.38 0.03 4.42
CA ILE B 56 -5.40 0.92 4.96
C ILE B 56 -4.87 1.66 6.18
N PHE B 57 -4.33 0.90 7.15
CA PHE B 57 -3.79 1.52 8.36
C PHE B 57 -2.59 2.41 8.04
N LYS B 58 -1.73 1.98 7.12
CA LYS B 58 -0.55 2.78 6.80
C LYS B 58 -0.95 4.11 6.17
N THR B 59 -1.98 4.11 5.33
CA THR B 59 -2.47 5.36 4.76
C THR B 59 -2.97 6.30 5.85
N LEU B 60 -3.69 5.76 6.83
CA LEU B 60 -4.17 6.57 7.94
C LEU B 60 -3.03 7.07 8.81
N MET B 61 -2.03 6.23 9.07
CA MET B 61 -0.91 6.65 9.90
C MET B 61 -0.10 7.75 9.23
N ASP B 62 -0.08 7.79 7.89
CA ASP B 62 0.56 8.90 7.19
C ASP B 62 -0.14 10.22 7.49
N ASN B 63 -1.44 10.16 7.81
CA ASN B 63 -2.18 11.34 8.23
C ASN B 63 -2.20 11.47 9.76
N GLN B 64 -1.21 10.90 10.44
CA GLN B 64 -0.93 11.04 11.87
C GLN B 64 -1.92 10.31 12.77
N PHE B 65 -2.72 9.40 12.23
CA PHE B 65 -3.47 8.48 13.08
C PHE B 65 -2.51 7.52 13.77
N ASN B 66 -2.69 7.32 15.08
CA ASN B 66 -1.85 6.35 15.78
C ASN B 66 -2.64 5.45 16.72
N VAL B 67 -3.96 5.51 16.71
CA VAL B 67 -4.82 4.63 17.50
C VAL B 67 -5.81 3.98 16.55
N PHE B 68 -5.96 2.66 16.65
CA PHE B 68 -6.85 1.93 15.76
C PHE B 68 -7.64 0.94 16.58
N ARG B 69 -8.95 1.16 16.64
CA ARG B 69 -9.86 0.31 17.40
C ARG B 69 -10.48 -0.71 16.46
N ILE B 70 -10.43 -1.98 16.86
CA ILE B 70 -10.93 -3.08 16.04
C ILE B 70 -12.22 -3.61 16.63
N PRO B 71 -13.39 -3.14 16.19
CA PRO B 71 -14.65 -3.70 16.67
C PRO B 71 -14.83 -5.12 16.17
N THR B 72 -14.96 -6.06 17.09
CA THR B 72 -14.97 -7.48 16.76
C THR B 72 -16.22 -8.13 17.35
N THR B 73 -17.04 -8.70 16.48
CA THR B 73 -18.20 -9.48 16.89
C THR B 73 -17.83 -10.96 16.87
N TRP B 74 -17.96 -11.62 18.01
CA TRP B 74 -17.65 -13.03 18.12
C TRP B 74 -18.86 -13.93 17.99
N THR B 75 -20.06 -13.36 17.98
CA THR B 75 -21.27 -14.14 17.74
C THR B 75 -21.18 -14.83 16.39
N GLY B 76 -21.43 -16.14 16.39
CA GLY B 76 -21.26 -16.94 15.20
C GLY B 76 -19.91 -17.61 15.08
N HIS B 77 -18.95 -17.23 15.91
CA HIS B 77 -17.62 -17.84 15.91
C HIS B 77 -17.32 -18.57 17.22
N ILE B 78 -18.30 -18.64 18.13
CA ILE B 78 -18.11 -19.22 19.46
C ILE B 78 -18.82 -20.56 19.52
N GLY B 79 -18.23 -21.51 20.24
CA GLY B 79 -18.83 -22.82 20.42
C GLY B 79 -19.77 -22.86 21.61
N GLU B 80 -20.29 -24.06 21.86
CA GLU B 80 -21.26 -24.25 22.92
C GLU B 80 -20.58 -24.41 24.27
N ALA B 81 -21.38 -24.27 25.33
CA ALA B 81 -20.90 -24.40 26.69
C ALA B 81 -20.52 -25.86 26.97
N PRO B 82 -19.64 -26.11 27.96
CA PRO B 82 -18.98 -25.16 28.87
C PRO B 82 -17.81 -24.42 28.20
N GLU B 83 -17.11 -25.07 27.27
CA GLU B 83 -15.96 -24.46 26.61
C GLU B 83 -16.48 -23.68 25.41
N TYR B 84 -16.77 -22.39 25.63
CA TYR B 84 -17.18 -21.52 24.55
C TYR B 84 -16.02 -21.29 23.58
N LYS B 85 -15.68 -22.31 22.80
CA LYS B 85 -14.46 -22.27 22.01
C LYS B 85 -14.62 -21.37 20.78
N ILE B 86 -13.64 -20.51 20.55
CA ILE B 86 -13.62 -19.60 19.41
C ILE B 86 -13.01 -20.31 18.22
N ASN B 87 -13.63 -20.13 17.05
CA ASN B 87 -13.13 -20.74 15.83
C ASN B 87 -11.68 -20.30 15.57
N GLU B 88 -10.82 -21.29 15.27
CA GLU B 88 -9.40 -21.00 15.12
C GLU B 88 -9.13 -20.09 13.93
N GLN B 89 -9.89 -20.26 12.85
CA GLN B 89 -9.67 -19.41 11.67
C GLN B 89 -10.11 -17.98 11.93
N TRP B 90 -11.20 -17.81 12.68
CA TRP B 90 -11.63 -16.47 13.06
C TRP B 90 -10.59 -15.79 13.93
N MET B 91 -10.07 -16.50 14.92
CA MET B 91 -9.03 -15.95 15.79
C MET B 91 -7.79 -15.61 14.99
N LYS B 92 -7.42 -16.46 14.02
CA LYS B 92 -6.28 -16.16 13.17
C LYS B 92 -6.51 -14.88 12.37
N ARG B 93 -7.72 -14.69 11.86
CA ARG B 93 -8.01 -13.49 11.08
C ARG B 93 -8.00 -12.24 11.95
N VAL B 94 -8.59 -12.32 13.16
CA VAL B 94 -8.54 -11.20 14.08
C VAL B 94 -7.09 -10.88 14.44
N HIS B 95 -6.28 -11.91 14.68
CA HIS B 95 -4.88 -11.71 15.01
C HIS B 95 -4.14 -11.02 13.87
N GLU B 96 -4.40 -11.42 12.63
CA GLU B 96 -3.75 -10.79 11.49
C GLU B 96 -4.13 -9.32 11.38
N ILE B 97 -5.40 -8.99 11.59
CA ILE B 97 -5.84 -7.61 11.50
C ILE B 97 -5.26 -6.78 12.62
N VAL B 98 -5.15 -7.36 13.82
CA VAL B 98 -4.54 -6.64 14.94
C VAL B 98 -3.07 -6.35 14.66
N ASP B 99 -2.39 -7.24 13.96
CA ASP B 99 -0.97 -7.04 13.68
C ASP B 99 -0.73 -5.99 12.60
N TYR B 100 -1.72 -5.69 11.76
CA TYR B 100 -1.56 -4.65 10.75
C TYR B 100 -1.15 -3.31 11.35
N PRO B 101 -1.84 -2.76 12.38
CA PRO B 101 -1.36 -1.50 12.97
C PRO B 101 -0.32 -1.71 14.06
N TYR B 102 -0.41 -2.82 14.81
CA TYR B 102 0.48 -3.02 15.93
C TYR B 102 1.93 -3.15 15.46
N LYS B 103 2.17 -3.93 14.40
CA LYS B 103 3.52 -4.09 13.89
C LYS B 103 3.97 -2.91 13.04
N ASN B 104 3.15 -1.88 12.91
CA ASN B 104 3.57 -0.60 12.36
C ASN B 104 3.79 0.44 13.46
N GLY B 105 3.76 0.03 14.72
CA GLY B 105 4.05 0.91 15.83
C GLY B 105 2.89 1.75 16.33
N ALA B 106 1.66 1.31 16.13
CA ALA B 106 0.50 2.08 16.54
C ALA B 106 -0.21 1.42 17.71
N PHE B 107 -1.03 2.23 18.41
CA PHE B 107 -1.90 1.68 19.44
C PHE B 107 -3.05 0.92 18.80
N VAL B 108 -3.45 -0.19 19.43
CA VAL B 108 -4.54 -1.02 18.95
C VAL B 108 -5.51 -1.26 20.09
N ILE B 109 -6.80 -1.14 19.82
CA ILE B 109 -7.85 -1.44 20.78
C ILE B 109 -8.67 -2.59 20.24
N LEU B 110 -8.68 -3.70 20.97
CA LEU B 110 -9.48 -4.88 20.61
C LEU B 110 -10.63 -4.99 21.61
N ASN B 111 -11.86 -5.11 21.08
CA ASN B 111 -13.04 -5.06 21.93
C ASN B 111 -13.99 -6.20 21.59
N ILE B 112 -14.88 -6.47 22.53
CA ILE B 112 -16.06 -7.30 22.31
C ILE B 112 -17.20 -6.36 21.91
N HIS B 113 -17.83 -6.65 20.76
CA HIS B 113 -18.70 -5.68 20.12
C HIS B 113 -20.11 -6.24 20.13
N HIS B 114 -20.67 -6.68 18.99
CA HIS B 114 -22.07 -7.08 18.92
C HIS B 114 -22.25 -8.52 19.40
N GLU B 115 -22.13 -8.71 20.71
CA GLU B 115 -22.34 -10.01 21.30
C GLU B 115 -23.78 -10.14 21.78
N THR B 116 -24.37 -11.31 21.53
CA THR B 116 -25.74 -11.57 21.94
C THR B 116 -25.85 -11.98 23.41
N TRP B 117 -24.72 -12.15 24.09
CA TRP B 117 -24.71 -12.65 25.46
C TRP B 117 -24.20 -11.66 26.49
N ASN B 118 -23.51 -10.60 26.09
CA ASN B 118 -23.00 -9.59 27.02
C ASN B 118 -24.05 -8.53 27.35
N HIS B 119 -25.32 -8.80 27.07
CA HIS B 119 -26.40 -7.86 27.35
C HIS B 119 -26.75 -7.84 28.83
N VAL B 125 -27.16 -13.82 33.72
CA VAL B 125 -25.99 -13.12 34.21
C VAL B 125 -24.87 -14.09 34.54
N ASP B 126 -25.20 -15.14 35.30
CA ASP B 126 -24.21 -16.14 35.66
C ASP B 126 -23.62 -16.81 34.43
N GLU B 127 -24.50 -17.31 33.55
CA GLU B 127 -24.03 -17.88 32.29
C GLU B 127 -23.29 -16.85 31.45
N ALA B 128 -23.78 -15.61 31.44
CA ALA B 128 -23.11 -14.55 30.68
C ALA B 128 -21.71 -14.28 31.23
N LYS B 129 -21.56 -14.27 32.56
CA LYS B 129 -20.24 -14.10 33.15
C LYS B 129 -19.33 -15.26 32.77
N VAL B 130 -19.87 -16.48 32.74
CA VAL B 130 -19.06 -17.64 32.35
C VAL B 130 -18.56 -17.49 30.93
N GLU B 131 -19.46 -17.15 30.00
CA GLU B 131 -19.06 -16.99 28.60
C GLU B 131 -18.11 -15.81 28.45
N LEU B 132 -18.38 -14.70 29.14
CA LEU B 132 -17.49 -13.55 29.08
C LEU B 132 -16.08 -13.92 29.55
N ALA B 133 -15.98 -14.65 30.66
CA ALA B 133 -14.68 -15.06 31.16
C ALA B 133 -13.99 -16.02 30.18
N GLN B 134 -14.73 -17.01 29.69
CA GLN B 134 -14.13 -18.00 28.79
C GLN B 134 -13.63 -17.35 27.51
N VAL B 135 -14.43 -16.42 26.94
CA VAL B 135 -14.01 -15.76 25.71
C VAL B 135 -12.77 -14.92 25.96
N TRP B 136 -12.77 -14.15 27.04
CA TRP B 136 -11.62 -13.29 27.33
C TRP B 136 -10.39 -14.09 27.73
N LYS B 137 -10.58 -15.30 28.26
CA LYS B 137 -9.43 -16.17 28.53
C LYS B 137 -8.72 -16.54 27.24
N GLN B 138 -9.47 -16.90 26.20
CA GLN B 138 -8.86 -17.26 24.92
C GLN B 138 -8.21 -16.05 24.27
N ILE B 139 -8.87 -14.89 24.33
CA ILE B 139 -8.32 -13.68 23.72
C ILE B 139 -7.03 -13.26 24.43
N ALA B 140 -7.02 -13.33 25.76
CA ALA B 140 -5.83 -12.94 26.51
C ALA B 140 -4.67 -13.86 26.20
N GLU B 141 -4.93 -15.18 26.11
CA GLU B 141 -3.87 -16.12 25.79
C GLU B 141 -3.31 -15.88 24.40
N GLU B 142 -4.17 -15.47 23.46
CA GLU B 142 -3.72 -15.23 22.09
C GLU B 142 -2.77 -14.04 22.01
N PHE B 143 -3.01 -13.01 22.82
CA PHE B 143 -2.27 -11.76 22.74
C PHE B 143 -1.48 -11.46 24.03
N LYS B 144 -1.14 -12.49 24.81
CA LYS B 144 -0.47 -12.25 26.08
C LYS B 144 0.94 -11.70 25.91
N GLY B 145 1.58 -11.95 24.76
CA GLY B 145 2.92 -11.46 24.53
C GLY B 145 3.03 -10.06 24.00
N TYR B 146 1.90 -9.40 23.74
CA TYR B 146 1.93 -8.05 23.20
C TYR B 146 2.16 -7.03 24.30
N GLY B 147 2.60 -5.84 23.90
CA GLY B 147 3.00 -4.80 24.81
C GLY B 147 1.85 -3.89 25.22
N GLU B 148 2.21 -2.70 25.71
CA GLU B 148 1.22 -1.76 26.19
C GLU B 148 0.42 -1.11 25.07
N ARG B 149 0.91 -1.18 23.82
CA ARG B 149 0.17 -0.59 22.71
C ARG B 149 -1.07 -1.37 22.33
N LEU B 150 -1.22 -2.60 22.82
CA LEU B 150 -2.42 -3.39 22.59
C LEU B 150 -3.31 -3.29 23.82
N ILE B 151 -4.51 -2.74 23.62
CA ILE B 151 -5.45 -2.46 24.70
C ILE B 151 -6.69 -3.30 24.49
N PHE B 152 -7.17 -3.93 25.57
CA PHE B 152 -8.41 -4.69 25.54
C PHE B 152 -9.55 -3.83 26.06
N GLU B 153 -10.64 -3.77 25.29
CA GLU B 153 -11.87 -3.13 25.73
C GLU B 153 -12.89 -4.22 26.00
N GLY B 154 -13.32 -4.33 27.26
CA GLY B 154 -14.14 -5.46 27.68
C GLY B 154 -15.44 -5.56 26.90
N GLN B 155 -16.18 -4.46 26.82
CA GLN B 155 -17.45 -4.43 26.13
C GLN B 155 -17.55 -3.15 25.31
N ASN B 156 -18.35 -3.22 24.25
CA ASN B 156 -18.60 -2.03 23.43
C ASN B 156 -19.63 -1.13 24.08
N GLU B 157 -20.90 -1.54 24.04
CA GLU B 157 -22.00 -0.79 24.63
C GLU B 157 -22.90 -1.75 25.39
N PRO B 158 -22.47 -2.21 26.55
CA PRO B 158 -23.28 -3.15 27.33
C PRO B 158 -24.53 -2.48 27.85
N ARG B 159 -25.67 -3.10 27.61
CA ARG B 159 -26.96 -2.47 27.84
C ARG B 159 -28.03 -3.56 27.86
N LYS B 160 -29.29 -3.16 27.81
CA LYS B 160 -30.43 -4.06 27.79
C LYS B 160 -31.13 -3.88 26.44
N ASN B 161 -30.86 -4.81 25.52
CA ASN B 161 -31.41 -4.72 24.18
C ASN B 161 -32.92 -4.92 24.22
N GLY B 162 -33.63 -4.10 23.43
CA GLY B 162 -35.07 -4.23 23.33
C GLY B 162 -35.79 -3.37 24.35
N THR B 163 -35.16 -3.16 25.49
CA THR B 163 -35.77 -2.39 26.56
C THR B 163 -35.76 -0.90 26.20
N PRO B 164 -36.68 -0.12 26.79
CA PRO B 164 -36.65 1.33 26.58
C PRO B 164 -35.49 2.02 27.28
N VAL B 165 -34.82 1.36 28.22
CA VAL B 165 -33.70 1.96 28.94
C VAL B 165 -32.41 1.72 28.18
N GLU B 166 -32.53 1.28 26.93
CA GLU B 166 -31.34 0.92 26.16
C GLU B 166 -30.50 2.14 25.81
N TRP B 167 -31.14 3.28 25.52
CA TRP B 167 -30.44 4.47 25.08
C TRP B 167 -30.79 5.71 25.89
N ASN B 168 -31.29 5.54 27.12
CA ASN B 168 -31.56 6.66 28.00
C ASN B 168 -30.58 6.76 29.16
N GLY B 169 -29.77 5.75 29.39
CA GLY B 169 -28.85 5.74 30.52
C GLY B 169 -28.89 4.45 31.30
N GLY B 170 -29.92 3.65 31.06
CA GLY B 170 -30.07 2.40 31.78
C GLY B 170 -30.82 2.55 33.08
N ASP B 171 -30.79 1.48 33.86
CA ASP B 171 -31.44 1.45 35.17
C ASP B 171 -30.51 0.75 36.15
N LYS B 172 -31.02 0.53 37.36
CA LYS B 172 -30.22 -0.10 38.41
C LYS B 172 -29.73 -1.48 37.97
N GLU B 173 -30.62 -2.29 37.38
CA GLU B 173 -30.21 -3.58 36.87
C GLU B 173 -29.11 -3.44 35.83
N GLY B 174 -29.29 -2.53 34.88
CA GLY B 174 -28.27 -2.32 33.87
C GLY B 174 -26.95 -1.88 34.46
N TRP B 175 -27.00 -0.92 35.38
CA TRP B 175 -25.77 -0.44 36.02
C TRP B 175 -25.11 -1.54 36.84
N ASP B 176 -25.91 -2.35 37.54
CA ASP B 176 -25.37 -3.44 38.33
C ASP B 176 -24.72 -4.49 37.43
N VAL B 177 -25.42 -4.88 36.36
CA VAL B 177 -24.90 -5.93 35.48
C VAL B 177 -23.65 -5.46 34.76
N VAL B 178 -23.65 -4.21 34.28
CA VAL B 178 -22.50 -3.70 33.54
C VAL B 178 -21.26 -3.67 34.42
N ASN B 179 -21.40 -3.16 35.64
CA ASN B 179 -20.25 -3.11 36.54
C ASN B 179 -19.75 -4.51 36.89
N ALA B 180 -20.68 -5.46 37.05
CA ALA B 180 -20.28 -6.83 37.35
C ALA B 180 -19.55 -7.46 36.16
N MET B 181 -20.06 -7.25 34.95
CA MET B 181 -19.39 -7.77 33.77
C MET B 181 -18.01 -7.16 33.60
N ASN B 182 -17.88 -5.85 33.86
CA ASN B 182 -16.59 -5.20 33.78
C ASN B 182 -15.59 -5.83 34.73
N ALA B 183 -16.02 -6.16 35.96
CA ALA B 183 -15.12 -6.77 36.93
C ALA B 183 -14.67 -8.15 36.47
N VAL B 184 -15.58 -8.93 35.88
CA VAL B 184 -15.21 -10.25 35.36
C VAL B 184 -14.16 -10.12 34.27
N PHE B 185 -14.36 -9.17 33.35
CA PHE B 185 -13.38 -8.93 32.30
C PHE B 185 -12.04 -8.49 32.88
N LEU B 186 -12.07 -7.55 33.83
CA LEU B 186 -10.84 -7.06 34.43
C LEU B 186 -10.11 -8.18 35.17
N GLU B 187 -10.84 -8.95 35.99
CA GLU B 187 -10.21 -10.03 36.74
C GLU B 187 -9.63 -11.10 35.81
N THR B 188 -10.36 -11.44 34.74
CA THR B 188 -9.92 -12.49 33.84
C THR B 188 -8.61 -12.12 33.16
N VAL B 189 -8.54 -10.90 32.62
CA VAL B 189 -7.32 -10.48 31.93
C VAL B 189 -6.16 -10.32 32.91
N ARG B 190 -6.42 -9.71 34.06
CA ARG B 190 -5.36 -9.53 35.06
C ARG B 190 -4.86 -10.89 35.57
N SER B 191 -5.78 -11.84 35.76
CA SER B 191 -5.38 -13.16 36.23
C SER B 191 -4.69 -13.98 35.15
N SER B 192 -4.85 -13.62 33.88
CA SER B 192 -4.18 -14.36 32.83
C SER B 192 -2.69 -14.07 32.85
N GLY B 193 -1.95 -14.82 32.02
CA GLY B 193 -0.50 -14.76 32.02
C GLY B 193 0.05 -13.70 31.09
N GLY B 194 1.34 -13.85 30.77
CA GLY B 194 2.04 -12.95 29.89
C GLY B 194 2.12 -11.54 30.45
N ASN B 195 2.03 -10.57 29.54
CA ASN B 195 2.06 -9.16 29.88
C ASN B 195 0.68 -8.62 30.25
N ASN B 196 -0.32 -9.50 30.34
CA ASN B 196 -1.70 -9.04 30.53
C ASN B 196 -1.92 -8.38 31.88
N ALA B 197 -1.08 -8.67 32.87
CA ALA B 197 -1.19 -7.98 34.14
C ALA B 197 -0.84 -6.50 34.01
N LYS B 198 0.04 -6.15 33.07
CA LYS B 198 0.38 -4.77 32.78
C LYS B 198 -0.37 -4.22 31.58
N ARG B 199 -1.33 -4.98 31.04
CA ARG B 199 -2.07 -4.51 29.88
C ARG B 199 -3.15 -3.51 30.30
N HIS B 200 -3.28 -2.44 29.53
CA HIS B 200 -4.28 -1.42 29.82
C HIS B 200 -5.64 -1.90 29.31
N LEU B 201 -6.66 -1.73 30.15
CA LEU B 201 -7.98 -2.28 29.88
C LEU B 201 -9.03 -1.16 29.92
N MET B 202 -9.93 -1.17 28.94
CA MET B 202 -11.00 -0.19 28.85
C MET B 202 -12.32 -0.85 29.25
N ILE B 203 -13.02 -0.23 30.20
CA ILE B 203 -14.33 -0.68 30.64
C ILE B 203 -15.33 0.43 30.34
N PRO B 204 -16.50 0.10 29.78
CA PRO B 204 -17.45 1.14 29.42
C PRO B 204 -18.52 1.30 30.48
N PRO B 205 -19.10 2.49 30.60
CA PRO B 205 -20.35 2.62 31.37
C PRO B 205 -21.51 1.96 30.62
N TYR B 206 -22.73 2.15 31.11
CA TYR B 206 -23.89 1.60 30.42
C TYR B 206 -23.97 2.15 29.01
N ALA B 207 -23.88 1.25 28.02
CA ALA B 207 -23.93 1.58 26.60
C ALA B 207 -22.84 2.57 26.18
N ALA B 208 -21.78 2.68 26.97
CA ALA B 208 -20.70 3.64 26.72
C ALA B 208 -21.25 5.05 26.51
N ALA B 209 -22.30 5.38 27.27
CA ALA B 209 -23.07 6.59 27.04
C ALA B 209 -22.49 7.77 27.81
N CYS B 210 -22.56 8.94 27.18
CA CYS B 210 -22.19 10.19 27.84
C CYS B 210 -23.42 10.77 28.56
N ASN B 211 -23.91 10.00 29.52
CA ASN B 211 -25.14 10.29 30.24
C ASN B 211 -24.84 10.43 31.72
N GLU B 212 -25.57 11.36 32.37
CA GLU B 212 -25.33 11.63 33.79
C GLU B 212 -25.62 10.40 34.65
N ASN B 213 -26.76 9.73 34.40
CA ASN B 213 -27.10 8.55 35.18
C ASN B 213 -26.13 7.41 34.93
N SER B 214 -25.71 7.23 33.67
CA SER B 214 -24.74 6.19 33.37
C SER B 214 -23.38 6.52 33.96
N PHE B 215 -23.02 7.80 34.00
CA PHE B 215 -21.75 8.21 34.60
C PHE B 215 -21.78 8.05 36.12
N LYS B 216 -22.86 8.49 36.76
CA LYS B 216 -22.93 8.49 38.22
C LYS B 216 -23.11 7.10 38.80
N ASN B 217 -23.56 6.13 37.99
CA ASN B 217 -23.72 4.76 38.44
C ASN B 217 -22.69 3.84 37.78
N PHE B 218 -21.46 4.32 37.69
CA PHE B 218 -20.36 3.58 37.07
C PHE B 218 -19.34 3.20 38.13
N ASP B 219 -18.97 1.93 38.17
CA ASP B 219 -17.95 1.45 39.10
C ASP B 219 -16.59 1.45 38.39
N PHE B 220 -15.68 2.28 38.87
CA PHE B 220 -14.33 2.32 38.32
C PHE B 220 -13.33 1.89 39.37
N PRO B 221 -12.36 1.05 39.01
CA PRO B 221 -11.39 0.57 40.00
C PRO B 221 -10.56 1.71 40.55
N GLU B 222 -10.42 1.75 41.87
CA GLU B 222 -9.67 2.79 42.55
C GLU B 222 -8.21 2.44 42.76
N ASP B 223 -7.80 1.21 42.43
CA ASP B 223 -6.42 0.77 42.67
C ASP B 223 -5.81 0.11 41.44
N ASP B 224 -6.26 0.52 40.25
CA ASP B 224 -5.71 0.02 38.99
C ASP B 224 -5.50 1.22 38.07
N ASP B 225 -4.25 1.67 38.00
CA ASP B 225 -3.89 2.81 37.16
C ASP B 225 -3.74 2.45 35.69
N LYS B 226 -4.00 1.19 35.32
CA LYS B 226 -3.97 0.76 33.93
C LYS B 226 -5.36 0.40 33.41
N VAL B 227 -6.38 1.10 33.90
CA VAL B 227 -7.75 0.91 33.46
C VAL B 227 -8.28 2.23 32.92
N ILE B 228 -8.97 2.18 31.80
CA ILE B 228 -9.46 3.36 31.09
C ILE B 228 -10.97 3.26 30.95
N ALA B 229 -11.62 4.42 30.88
CA ALA B 229 -13.06 4.51 30.67
C ALA B 229 -13.34 4.74 29.19
N SER B 230 -14.29 3.96 28.64
CA SER B 230 -14.63 4.00 27.24
C SER B 230 -16.00 4.67 27.07
N VAL B 231 -16.03 5.82 26.40
CA VAL B 231 -17.24 6.58 26.19
C VAL B 231 -17.42 6.84 24.70
N HIS B 232 -18.66 6.79 24.23
CA HIS B 232 -19.02 7.17 22.87
C HIS B 232 -19.86 8.43 22.92
N ALA B 233 -19.55 9.40 22.06
CA ALA B 233 -20.21 10.71 22.13
C ALA B 233 -20.36 11.27 20.71
N TYR B 234 -21.47 10.91 20.06
CA TYR B 234 -21.83 11.47 18.75
C TYR B 234 -22.66 12.73 18.99
N SER B 235 -21.97 13.81 19.32
CA SER B 235 -22.65 15.04 19.70
C SER B 235 -22.21 16.19 18.81
N PRO B 236 -23.12 17.10 18.43
CA PRO B 236 -24.57 17.13 18.75
C PRO B 236 -25.35 16.09 17.95
N TYR B 237 -26.41 15.54 18.55
CA TYR B 237 -27.05 14.34 18.02
C TYR B 237 -27.65 14.58 16.63
N ASN B 238 -28.52 15.59 16.52
CA ASN B 238 -29.23 15.83 15.26
C ASN B 238 -28.26 16.09 14.12
N PHE B 239 -27.13 16.71 14.41
CA PHE B 239 -26.15 17.01 13.36
C PHE B 239 -25.27 15.82 13.03
N ALA B 240 -24.96 14.99 14.03
CA ALA B 240 -23.95 13.95 13.87
C ALA B 240 -24.52 12.55 13.68
N LEU B 241 -25.56 12.18 14.43
CA LEU B 241 -26.01 10.80 14.48
C LEU B 241 -27.44 10.58 13.99
N ASN B 242 -28.31 11.59 14.06
CA ASN B 242 -29.70 11.41 13.69
C ASN B 242 -29.83 11.06 12.21
N ASN B 243 -30.39 9.89 11.93
CA ASN B 243 -30.65 9.43 10.58
C ASN B 243 -32.14 9.48 10.24
N GLY B 244 -32.86 10.45 10.80
N GLY B 244 -32.85 10.46 10.80
CA GLY B 244 -34.28 10.56 10.53
CA GLY B 244 -34.28 10.57 10.59
C GLY B 244 -34.84 11.95 10.77
C GLY B 244 -34.82 11.99 10.52
N GLU B 245 -36.04 12.01 11.33
N GLU B 245 -35.79 12.32 11.37
CA GLU B 245 -36.66 13.31 11.61
CA GLU B 245 -36.54 13.56 11.19
C GLU B 245 -35.86 14.06 12.66
C GLU B 245 -35.74 14.77 11.66
N GLY B 246 -35.53 15.32 12.37
N GLY B 246 -35.28 14.75 12.92
CA GLY B 246 -34.75 16.15 13.24
CA GLY B 246 -34.61 15.91 13.48
C GLY B 246 -33.31 16.33 12.80
C GLY B 246 -33.25 16.23 12.91
N ALA B 247 -32.82 15.49 11.89
CA ALA B 247 -31.46 15.64 11.39
C ALA B 247 -31.23 17.03 10.80
N VAL B 248 -30.08 17.61 11.14
CA VAL B 248 -29.71 18.93 10.67
C VAL B 248 -28.31 18.85 10.06
N ASP B 249 -28.08 19.67 9.04
CA ASP B 249 -26.83 19.65 8.29
C ASP B 249 -25.86 20.75 8.69
N LYS B 250 -26.21 21.58 9.67
CA LYS B 250 -25.38 22.70 10.08
C LYS B 250 -25.01 22.58 11.54
N PHE B 251 -23.76 22.92 11.86
CA PHE B 251 -23.28 22.96 13.24
C PHE B 251 -23.44 24.40 13.73
N ASP B 252 -24.56 24.67 14.39
CA ASP B 252 -24.90 26.01 14.83
C ASP B 252 -24.63 26.17 16.32
N ALA B 253 -25.05 27.31 16.88
CA ALA B 253 -24.77 27.61 18.28
C ALA B 253 -25.50 26.65 19.21
N SER B 254 -26.70 26.21 18.82
CA SER B 254 -27.43 25.25 19.64
C SER B 254 -26.71 23.91 19.68
N GLY B 255 -26.11 23.51 18.55
CA GLY B 255 -25.30 22.30 18.55
C GLY B 255 -24.04 22.45 19.37
N LYS B 256 -23.40 23.64 19.29
CA LYS B 256 -22.22 23.89 20.11
C LYS B 256 -22.56 23.85 21.59
N ASN B 257 -23.73 24.39 21.96
CA ASN B 257 -24.18 24.29 23.35
C ASN B 257 -24.34 22.84 23.78
N GLU B 258 -24.94 22.01 22.93
CA GLU B 258 -25.10 20.60 23.27
C GLU B 258 -23.76 19.90 23.38
N LEU B 259 -22.84 20.18 22.45
CA LEU B 259 -21.53 19.53 22.51
C LEU B 259 -20.75 19.99 23.73
N ASP B 260 -20.79 21.29 24.05
CA ASP B 260 -20.09 21.79 25.22
C ASP B 260 -20.66 21.19 26.50
N TRP B 261 -21.97 20.96 26.54
CA TRP B 261 -22.59 20.36 27.72
C TRP B 261 -22.09 18.94 27.94
N ASN B 262 -22.01 18.15 26.86
CA ASN B 262 -21.54 16.78 26.99
C ASN B 262 -20.06 16.73 27.31
N ILE B 263 -19.26 17.64 26.76
CA ILE B 263 -17.85 17.68 27.07
C ILE B 263 -17.63 18.02 28.54
N ASN B 264 -18.41 18.95 29.07
CA ASN B 264 -18.30 19.30 30.49
C ASN B 264 -18.72 18.14 31.38
N LEU B 265 -19.70 17.35 30.93
CA LEU B 265 -20.08 16.15 31.67
C LEU B 265 -18.91 15.18 31.78
N MET B 266 -18.17 14.99 30.68
CA MET B 266 -16.98 14.15 30.72
C MET B 266 -15.93 14.74 31.64
N LYS B 267 -15.75 16.06 31.60
CA LYS B 267 -14.76 16.71 32.44
C LYS B 267 -15.08 16.50 33.92
N LYS B 268 -16.34 16.69 34.31
CA LYS B 268 -16.72 16.53 35.71
C LYS B 268 -16.65 15.08 36.17
N ARG B 269 -16.85 14.14 35.25
CA ARG B 269 -16.95 12.73 35.63
C ARG B 269 -15.59 12.03 35.62
N PHE B 270 -14.72 12.36 34.66
CA PHE B 270 -13.46 11.64 34.52
C PHE B 270 -12.25 12.56 34.64
N VAL B 271 -12.17 13.61 33.83
CA VAL B 271 -10.98 14.46 33.81
C VAL B 271 -10.74 15.09 35.18
N ASP B 272 -11.80 15.68 35.75
CA ASP B 272 -11.66 16.34 37.05
C ASP B 272 -11.45 15.35 38.19
N GLN B 273 -11.80 14.08 37.99
CA GLN B 273 -11.63 13.06 39.01
C GLN B 273 -10.41 12.19 38.77
N GLY B 274 -9.55 12.56 37.82
CA GLY B 274 -8.32 11.84 37.55
C GLY B 274 -8.47 10.52 36.84
N ILE B 275 -9.65 10.22 36.29
CA ILE B 275 -9.91 8.93 35.66
C ILE B 275 -9.49 9.02 34.19
N PRO B 276 -8.56 8.18 33.73
CA PRO B 276 -8.20 8.18 32.30
C PRO B 276 -9.38 7.71 31.46
N MET B 277 -9.66 8.46 30.39
CA MET B 277 -10.83 8.20 29.57
C MET B 277 -10.49 8.39 28.09
N ILE B 278 -11.09 7.57 27.24
CA ILE B 278 -10.91 7.63 25.79
C ILE B 278 -12.29 7.67 25.14
N LEU B 279 -12.46 8.57 24.17
CA LEU B 279 -13.67 8.61 23.36
C LEU B 279 -13.52 7.57 22.25
N GLY B 280 -14.03 6.37 22.50
CA GLY B 280 -13.82 5.27 21.57
C GLY B 280 -14.57 5.40 20.26
N GLU B 281 -15.75 6.03 20.29
CA GLU B 281 -16.56 6.19 19.09
C GLU B 281 -17.11 7.61 19.03
N TYR B 282 -17.05 8.20 17.84
CA TYR B 282 -17.68 9.49 17.56
C TYR B 282 -17.58 9.73 16.06
N GLY B 283 -18.35 10.69 15.58
CA GLY B 283 -18.32 11.03 14.17
C GLY B 283 -19.60 11.74 13.77
N ALA B 284 -19.55 12.34 12.59
CA ALA B 284 -20.68 13.08 12.03
C ALA B 284 -21.04 12.49 10.68
N MET B 285 -22.31 12.15 10.52
CA MET B 285 -22.80 11.53 9.29
C MET B 285 -22.67 12.49 8.11
N ASN B 286 -22.36 11.93 6.94
CA ASN B 286 -22.24 12.76 5.74
C ASN B 286 -23.61 13.26 5.31
N ARG B 287 -23.78 14.58 5.31
CA ARG B 287 -24.99 15.21 4.81
C ARG B 287 -24.65 16.23 3.72
N ASP B 288 -23.62 15.93 2.91
CA ASP B 288 -23.09 16.87 1.93
C ASP B 288 -22.68 18.17 2.59
N ASN B 289 -21.98 18.05 3.71
CA ASN B 289 -21.66 19.19 4.57
C ASN B 289 -20.24 19.04 5.13
N GLU B 290 -19.26 18.88 4.24
CA GLU B 290 -17.91 18.56 4.68
C GLU B 290 -17.30 19.69 5.50
N GLU B 291 -17.45 20.94 5.05
CA GLU B 291 -16.83 22.05 5.76
C GLU B 291 -17.51 22.30 7.10
N GLU B 292 -18.84 22.11 7.17
CA GLU B 292 -19.52 22.19 8.46
C GLU B 292 -19.03 21.10 9.40
N ARG B 293 -18.90 19.88 8.89
CA ARG B 293 -18.36 18.80 9.70
C ARG B 293 -16.91 19.07 10.09
N ALA B 294 -16.14 19.69 9.20
CA ALA B 294 -14.76 20.01 9.52
C ALA B 294 -14.67 21.01 10.66
N ALA B 295 -15.53 22.03 10.64
CA ALA B 295 -15.55 23.00 11.74
C ALA B 295 -15.96 22.33 13.04
N TRP B 296 -16.95 21.43 12.99
CA TRP B 296 -17.35 20.68 14.17
C TRP B 296 -16.22 19.78 14.67
N ALA B 297 -15.53 19.12 13.75
CA ALA B 297 -14.44 18.23 14.15
C ALA B 297 -13.27 18.99 14.75
N GLU B 298 -12.96 20.16 14.18
CA GLU B 298 -11.86 20.97 14.69
C GLU B 298 -12.16 21.49 16.09
N TYR B 299 -13.39 21.97 16.30
CA TYR B 299 -13.78 22.44 17.63
C TYR B 299 -13.82 21.30 18.63
N TYR B 300 -14.42 20.18 18.24
CA TYR B 300 -14.50 19.01 19.11
C TYR B 300 -13.11 18.56 19.54
N MET B 301 -12.19 18.44 18.57
CA MET B 301 -10.83 17.99 18.89
C MET B 301 -10.11 18.97 19.80
N GLU B 302 -10.21 20.27 19.49
CA GLU B 302 -9.50 21.28 20.27
C GLU B 302 -9.93 21.27 21.72
N LYS B 303 -11.25 21.24 21.98
CA LYS B 303 -11.74 21.23 23.34
C LYS B 303 -11.31 19.98 24.08
N ILE B 304 -11.46 18.82 23.44
CA ILE B 304 -11.17 17.56 24.12
C ILE B 304 -9.68 17.35 24.26
N THR B 305 -8.87 17.93 23.36
CA THR B 305 -7.42 17.83 23.50
C THR B 305 -6.93 18.65 24.68
N ALA B 306 -7.56 19.79 24.95
CA ALA B 306 -7.22 20.59 26.12
C ALA B 306 -7.60 19.89 27.41
N LEU B 307 -8.47 18.89 27.35
CA LEU B 307 -8.77 18.04 28.50
C LEU B 307 -7.89 16.80 28.57
N GLY B 308 -7.09 16.54 27.53
CA GLY B 308 -6.24 15.38 27.51
C GLY B 308 -6.92 14.10 27.09
N VAL B 309 -8.10 14.17 26.49
CA VAL B 309 -8.87 12.99 26.13
C VAL B 309 -8.69 12.75 24.63
N PRO B 310 -8.26 11.57 24.21
CA PRO B 310 -8.23 11.26 22.78
C PRO B 310 -9.58 10.76 22.30
N GLN B 311 -9.84 10.94 21.01
CA GLN B 311 -11.08 10.49 20.40
C GLN B 311 -10.78 9.67 19.15
N VAL B 312 -11.65 8.69 18.90
CA VAL B 312 -11.46 7.70 17.84
C VAL B 312 -12.67 7.76 16.91
N TRP B 313 -12.45 8.16 15.66
CA TRP B 313 -13.52 8.27 14.69
C TRP B 313 -14.08 6.90 14.34
N TRP B 314 -15.39 6.84 14.13
CA TRP B 314 -16.07 5.61 13.73
C TRP B 314 -16.28 5.63 12.22
N ASP B 315 -15.63 4.70 11.52
CA ASP B 315 -15.67 4.61 10.07
C ASP B 315 -16.26 3.26 9.69
N ASN B 316 -17.50 3.28 9.20
CA ASN B 316 -18.19 2.06 8.78
C ASN B 316 -18.08 1.80 7.28
N GLY B 317 -17.34 2.63 6.55
CA GLY B 317 -17.20 2.45 5.12
C GLY B 317 -18.43 2.80 4.31
N VAL B 318 -19.40 3.48 4.91
CA VAL B 318 -20.64 3.86 4.23
C VAL B 318 -20.59 5.35 3.94
N PHE B 319 -20.87 5.72 2.69
CA PHE B 319 -20.84 7.11 2.27
C PHE B 319 -22.17 7.61 1.74
N GLU B 320 -22.98 6.76 1.11
CA GLU B 320 -24.25 7.15 0.51
C GLU B 320 -25.34 6.22 1.02
N GLY B 321 -26.56 6.49 0.57
CA GLY B 321 -27.69 5.63 0.88
C GLY B 321 -28.45 6.06 2.12
N GLU B 322 -29.40 5.20 2.50
CA GLU B 322 -30.24 5.44 3.67
C GLU B 322 -29.57 5.03 4.97
N GLY B 323 -28.41 4.37 4.90
CA GLY B 323 -27.71 3.96 6.11
C GLY B 323 -26.92 5.10 6.72
N GLU B 324 -26.30 4.79 7.85
CA GLU B 324 -25.47 5.77 8.55
C GLU B 324 -24.16 5.95 7.79
N ARG B 325 -23.86 7.18 7.38
CA ARG B 325 -22.76 7.47 6.48
C ARG B 325 -21.61 8.08 7.27
N PHE B 326 -20.80 7.20 7.86
CA PHE B 326 -19.65 7.62 8.67
C PHE B 326 -18.32 7.33 7.99
N GLY B 327 -18.32 6.98 6.70
CA GLY B 327 -17.08 6.69 6.02
C GLY B 327 -16.17 7.89 5.94
N LEU B 328 -14.87 7.65 6.04
CA LEU B 328 -13.88 8.72 6.01
C LEU B 328 -12.76 8.40 5.02
N ILE B 329 -12.44 7.13 4.85
CA ILE B 329 -11.43 6.69 3.91
C ILE B 329 -12.02 5.62 3.00
N ASP B 330 -11.76 5.73 1.70
CA ASP B 330 -12.13 4.71 0.74
C ASP B 330 -11.13 3.58 0.84
N ARG B 331 -11.49 2.51 1.55
CA ARG B 331 -10.57 1.40 1.76
C ARG B 331 -10.18 0.73 0.45
N LYS B 332 -11.09 0.72 -0.53
CA LYS B 332 -10.79 0.06 -1.80
C LYS B 332 -9.69 0.77 -2.56
N ASN B 333 -9.71 2.10 -2.57
CA ASN B 333 -8.75 2.88 -3.33
C ASN B 333 -7.72 3.60 -2.47
N LEU B 334 -7.77 3.42 -1.15
CA LEU B 334 -6.77 3.98 -0.23
C LEU B 334 -6.68 5.50 -0.36
N LYS B 335 -7.83 6.16 -0.45
CA LYS B 335 -7.90 7.60 -0.57
C LYS B 335 -8.74 8.18 0.54
N ILE B 336 -8.33 9.36 1.04
CA ILE B 336 -9.10 10.09 2.03
C ILE B 336 -10.20 10.85 1.31
N VAL B 337 -11.46 10.55 1.65
CA VAL B 337 -12.58 11.13 0.92
C VAL B 337 -12.90 12.54 1.38
N TYR B 338 -12.70 12.84 2.67
CA TYR B 338 -12.99 14.16 3.24
C TYR B 338 -11.70 14.70 3.85
N PRO B 339 -10.81 15.26 3.03
CA PRO B 339 -9.52 15.72 3.57
C PRO B 339 -9.65 16.90 4.52
N SER B 340 -10.65 17.75 4.34
CA SER B 340 -10.80 18.88 5.25
C SER B 340 -11.17 18.44 6.66
N ILE B 341 -11.83 17.29 6.79
CA ILE B 341 -12.12 16.74 8.11
C ILE B 341 -10.84 16.22 8.75
N VAL B 342 -10.02 15.50 7.98
CA VAL B 342 -8.74 15.03 8.50
C VAL B 342 -7.83 16.22 8.81
N ALA B 343 -7.85 17.25 7.96
CA ALA B 343 -7.12 18.48 8.27
C ALA B 343 -7.63 19.13 9.54
N ALA B 344 -8.93 19.00 9.83
CA ALA B 344 -9.48 19.55 11.06
C ALA B 344 -9.00 18.76 12.27
N LEU B 345 -8.94 17.44 12.15
CA LEU B 345 -8.45 16.63 13.27
C LEU B 345 -6.99 16.94 13.58
N GLN B 346 -6.17 17.09 12.54
CA GLN B 346 -4.77 17.45 12.77
C GLN B 346 -4.65 18.85 13.36
N LYS B 347 -5.45 19.80 12.87
CA LYS B 347 -5.39 21.17 13.37
C LYS B 347 -5.81 21.24 14.83
N GLY B 348 -6.98 20.69 15.16
CA GLY B 348 -7.47 20.75 16.53
C GLY B 348 -6.59 19.99 17.50
N ARG B 349 -5.91 18.95 17.04
CA ARG B 349 -5.03 18.19 17.92
C ARG B 349 -3.76 18.95 18.25
N GLY B 350 -3.45 20.00 17.48
CA GLY B 350 -2.23 20.76 17.67
C GLY B 350 -1.08 20.29 16.82
N LEU B 351 -1.32 19.47 15.82
CA LEU B 351 -0.27 18.94 14.96
C LEU B 351 -0.11 19.81 13.72
N GLU B 352 0.89 19.47 12.90
CA GLU B 352 1.10 20.18 11.63
C GLU B 352 0.11 19.64 10.60
N VAL B 353 -0.67 20.54 10.01
CA VAL B 353 -1.67 20.13 9.03
C VAL B 353 -0.97 19.67 7.75
N ASN B 354 -1.22 18.41 7.37
CA ASN B 354 -0.67 17.83 6.15
C ASN B 354 -1.44 16.58 5.75
N VAL B 355 -2.48 16.73 4.93
CA VAL B 355 -3.33 15.62 4.56
C VAL B 355 -2.73 14.90 3.36
N LEU B 356 -2.61 13.58 3.45
CA LEU B 356 -2.00 12.77 2.41
C LEU B 356 -3.03 11.83 1.81
N HIS B 357 -2.81 11.48 0.54
CA HIS B 357 -3.64 10.51 -0.17
C HIS B 357 -5.09 10.97 -0.27
N ALA B 358 -5.29 12.26 -0.46
CA ALA B 358 -6.64 12.79 -0.58
C ALA B 358 -7.26 12.41 -1.93
N ILE B 359 -8.57 12.19 -1.91
CA ILE B 359 -9.26 11.81 -3.14
C ILE B 359 -9.33 13.01 -4.09
N GLU B 360 -9.53 12.72 -5.36
CA GLU B 360 -9.61 13.77 -6.38
C GLU B 360 -10.93 14.52 -6.28
#